data_9E38
#
_entry.id   9E38
#
_cell.length_a   68.419
_cell.length_b   85.649
_cell.length_c   113.634
_cell.angle_alpha   90.000
_cell.angle_beta   90.000
_cell.angle_gamma   90.000
#
_symmetry.space_group_name_H-M   'P 21 21 21'
#
loop_
_entity.id
_entity.type
_entity.pdbx_description
1 polymer 'Phosphoenolpyruvate carboxykinase [GTP]'
2 non-polymer 'MANGANESE (II) ION'
3 non-polymer 'MAGNESIUM ION'
4 non-polymer "GUANOSINE-5'-DIPHOSPHATE"
5 non-polymer '2-PHOSPHOGLYCOLIC ACID'
6 non-polymer 'TRIETHYLENE GLYCOL'
7 non-polymer 'PENTAETHYLENE GLYCOL'
8 water water
#
_entity_poly.entity_id   1
_entity_poly.type   'polypeptide(L)'
_entity_poly.pdbx_seq_one_letter_code
;MNQPAMQGLNLNTPAYVKNAKLIAWVADMVALCKPDTVYWCDGSDAEYQRLCQQLVDAGTFKKLNEAKRPNSYLACSDPS
DVARVEDRTYICSAKEENAGPTNNWMEPSEMRATLQPLFDGCMRGRTMYVVPFSMGPLGSPIAHIGIELSDSPYVAVNMK
IMTRMGKAVFEVLGTEGDFVPCVHTVGAPLAEGEQDVTWPCNKTKYIVHYPETREIWSYGSGYGGNALLGKKCFALRIAS
NMGRDEGWLAEHMLILGVTNPEGKKYHVAAAFPSACGKTNFSMLVPPAGFDGWSVTTIGDDIAWIKPAADGKLYAINPEA
GYFGVAPGTNMLTNPNCMLSVRGNTIFTNVALTDDGDVWWEGMEQDAPGKALPDHLIDWQGKDWTPQIAKETGAKAAHPN
SRFTVAATNNPALDSAWDDPKGVAIDAFIFGGRRSTTVPLVTEARSWVEGVYMAATMGSETTAAATGQAGVVRRDPFAML
PFMGYNMSDYFQHWLDLGKKLAASGATLPKIYTTNWFRKGTDGKFVWPGYGENMRVLAWMIDRIEGKGQGEDHVTGISPS
YEDLNWTGLDFSADQFNTVTSIDKAAWLKELELHAELFKQLEHHLPKELGETKAEIERRLAA
;
_entity_poly.pdbx_strand_id   A
#
# COMPACT_ATOMS: atom_id res chain seq x y z
N GLY A 8 -16.64 36.74 5.22
CA GLY A 8 -16.37 35.31 5.20
C GLY A 8 -16.13 34.71 6.58
N LEU A 9 -16.39 33.41 6.72
CA LEU A 9 -16.26 32.77 8.03
C LEU A 9 -14.85 32.93 8.59
N ASN A 10 -14.76 33.09 9.90
CA ASN A 10 -13.46 33.22 10.55
C ASN A 10 -12.66 31.94 10.36
N LEU A 11 -11.50 32.05 9.71
CA LEU A 11 -10.69 30.87 9.46
C LEU A 11 -9.88 30.43 10.68
N ASN A 12 -9.69 31.31 11.66
CA ASN A 12 -8.84 30.99 12.81
C ASN A 12 -7.42 30.64 12.36
N THR A 13 -6.95 31.32 11.31
CA THR A 13 -5.62 31.04 10.74
C THR A 13 -4.52 31.32 11.77
N PRO A 14 -3.65 30.36 12.08
CA PRO A 14 -2.54 30.64 12.99
C PRO A 14 -1.59 31.71 12.43
N ALA A 15 -0.85 32.32 13.36
CA ALA A 15 0.11 33.35 12.98
C ALA A 15 1.25 32.80 12.14
N TYR A 16 1.59 31.52 12.32
CA TYR A 16 2.72 30.94 11.61
C TYR A 16 2.40 30.59 10.16
N VAL A 17 1.17 30.79 9.71
CA VAL A 17 0.81 30.55 8.31
C VAL A 17 1.03 31.86 7.53
N LYS A 18 2.07 31.88 6.70
CA LYS A 18 2.52 33.07 6.00
C LYS A 18 2.17 33.04 4.52
N ASN A 19 1.34 32.11 4.07
CA ASN A 19 1.14 31.81 2.65
C ASN A 19 -0.25 32.30 2.22
N ALA A 20 -0.27 33.42 1.50
CA ALA A 20 -1.56 34.04 1.18
C ALA A 20 -2.37 33.20 0.20
N LYS A 21 -1.71 32.57 -0.77
CA LYS A 21 -2.44 31.74 -1.73
C LYS A 21 -3.11 30.56 -1.03
N LEU A 22 -2.41 29.95 -0.07
CA LEU A 22 -3.00 28.87 0.73
C LEU A 22 -4.21 29.38 1.50
N ILE A 23 -4.07 30.51 2.19
CA ILE A 23 -5.18 31.02 2.99
C ILE A 23 -6.37 31.32 2.09
N ALA A 24 -6.13 31.87 0.90
CA ALA A 24 -7.20 32.16 -0.04
C ALA A 24 -7.90 30.89 -0.51
N TRP A 25 -7.14 29.81 -0.70
CA TRP A 25 -7.74 28.54 -1.11
C TRP A 25 -8.61 27.97 0.00
N VAL A 26 -8.13 28.01 1.24
CA VAL A 26 -8.96 27.57 2.37
C VAL A 26 -10.25 28.40 2.43
N ALA A 27 -10.13 29.72 2.27
CA ALA A 27 -11.31 30.58 2.26
C ALA A 27 -12.32 30.12 1.21
N ASP A 28 -11.85 29.83 0.01
CA ASP A 28 -12.73 29.36 -1.07
C ASP A 28 -13.38 28.03 -0.72
N MET A 29 -12.62 27.11 -0.13
CA MET A 29 -13.18 25.81 0.21
C MET A 29 -14.15 25.91 1.39
N VAL A 30 -13.89 26.82 2.33
CA VAL A 30 -14.83 27.04 3.42
C VAL A 30 -16.15 27.62 2.89
N ALA A 31 -16.06 28.52 1.91
CA ALA A 31 -17.26 29.09 1.31
C ALA A 31 -18.08 28.03 0.58
N LEU A 32 -17.42 27.03 0.00
CA LEU A 32 -18.11 25.94 -0.66
C LEU A 32 -18.67 24.93 0.35
N CYS A 33 -17.83 24.42 1.24
CA CYS A 33 -18.22 23.31 2.11
C CYS A 33 -19.06 23.77 3.29
N LYS A 34 -18.89 25.04 3.70
CA LYS A 34 -19.68 25.70 4.73
C LYS A 34 -19.63 24.96 6.07
N PRO A 35 -18.44 24.69 6.61
CA PRO A 35 -18.36 24.10 7.94
C PRO A 35 -18.81 25.09 9.00
N ASP A 36 -19.22 24.56 10.15
CA ASP A 36 -19.54 25.43 11.28
C ASP A 36 -18.32 26.22 11.73
N THR A 37 -17.18 25.54 11.86
CA THR A 37 -15.97 26.14 12.40
C THR A 37 -14.78 25.54 11.65
N VAL A 38 -13.64 26.21 11.74
CA VAL A 38 -12.38 25.79 11.11
C VAL A 38 -11.33 25.62 12.20
N TYR A 39 -10.58 24.51 12.15
CA TYR A 39 -9.50 24.21 13.08
C TYR A 39 -8.24 23.85 12.30
N TRP A 40 -7.13 24.51 12.61
CA TRP A 40 -5.83 24.22 11.98
C TRP A 40 -5.04 23.28 12.86
N CYS A 41 -4.70 22.11 12.34
CA CYS A 41 -3.97 21.12 13.12
C CYS A 41 -2.49 21.48 13.20
N ASP A 42 -1.96 21.58 14.42
CA ASP A 42 -0.53 21.87 14.60
C ASP A 42 0.33 20.61 14.68
N GLY A 43 -0.28 19.44 14.71
CA GLY A 43 0.46 18.19 14.71
C GLY A 43 1.12 17.81 16.01
N SER A 44 0.87 18.55 17.09
CA SER A 44 1.53 18.25 18.36
C SER A 44 0.94 16.97 18.98
N ASP A 45 1.70 16.42 19.93
CA ASP A 45 1.20 15.28 20.71
C ASP A 45 -0.01 15.68 21.54
N ALA A 46 0.01 16.88 22.13
CA ALA A 46 -1.12 17.36 22.92
C ALA A 46 -2.39 17.43 22.09
N GLU A 47 -2.29 17.98 20.88
CA GLU A 47 -3.44 18.05 19.99
C GLU A 47 -3.96 16.66 19.63
N TYR A 48 -3.06 15.71 19.38
CA TYR A 48 -3.49 14.35 19.05
C TYR A 48 -4.32 13.75 20.18
N GLN A 49 -3.89 13.96 21.43
CA GLN A 49 -4.66 13.48 22.58
C GLN A 49 -6.02 14.14 22.65
N ARG A 50 -6.09 15.46 22.40
CA ARG A 50 -7.37 16.15 22.43
C ARG A 50 -8.31 15.65 21.33
N LEU A 51 -7.77 15.46 20.12
CA LEU A 51 -8.62 14.95 19.04
C LEU A 51 -9.09 13.51 19.33
N CYS A 52 -8.20 12.67 19.88
CA CYS A 52 -8.62 11.32 20.28
C CYS A 52 -9.72 11.36 21.33
N GLN A 53 -9.58 12.23 22.34
N GLN A 53 -9.57 12.23 22.34
CA GLN A 53 -10.64 12.36 23.34
CA GLN A 53 -10.62 12.40 23.35
C GLN A 53 -11.94 12.81 22.69
C GLN A 53 -11.92 12.83 22.71
N GLN A 54 -11.85 13.71 21.71
CA GLN A 54 -13.02 14.12 20.98
C GLN A 54 -13.67 12.93 20.28
N LEU A 55 -12.87 12.07 19.65
CA LEU A 55 -13.41 10.88 19.00
C LEU A 55 -14.03 9.93 20.01
N VAL A 56 -13.43 9.85 21.20
CA VAL A 56 -14.01 9.02 22.26
C VAL A 56 -15.38 9.57 22.68
N ASP A 57 -15.48 10.90 22.84
CA ASP A 57 -16.76 11.52 23.19
C ASP A 57 -17.83 11.26 22.12
N ALA A 58 -17.44 11.21 20.85
CA ALA A 58 -18.40 10.97 19.78
C ALA A 58 -18.77 9.50 19.63
N GLY A 59 -18.09 8.60 20.34
CA GLY A 59 -18.27 7.18 20.18
C GLY A 59 -17.56 6.58 18.98
N THR A 60 -16.82 7.37 18.22
CA THR A 60 -16.06 6.81 17.11
C THR A 60 -14.91 5.95 17.60
N PHE A 61 -14.29 6.36 18.70
CA PHE A 61 -13.18 5.68 19.35
C PHE A 61 -13.65 5.07 20.67
N LYS A 62 -13.12 3.90 21.00
CA LYS A 62 -13.07 3.41 22.38
C LYS A 62 -11.61 3.41 22.80
N LYS A 63 -11.31 3.98 23.97
CA LYS A 63 -9.95 3.90 24.45
C LYS A 63 -9.67 2.51 24.99
N LEU A 64 -8.54 1.93 24.58
CA LEU A 64 -8.24 0.59 25.02
C LEU A 64 -7.61 0.63 26.40
N ASN A 65 -7.62 -0.53 27.06
CA ASN A 65 -7.08 -0.67 28.40
C ASN A 65 -5.63 -0.21 28.42
N GLU A 66 -5.34 0.81 29.24
CA GLU A 66 -4.01 1.39 29.30
C GLU A 66 -2.94 0.37 29.72
N ALA A 67 -3.33 -0.65 30.50
CA ALA A 67 -2.38 -1.65 30.95
C ALA A 67 -2.07 -2.67 29.87
N LYS A 68 -3.05 -2.98 29.01
CA LYS A 68 -2.84 -3.94 27.95
C LYS A 68 -2.33 -3.31 26.65
N ARG A 69 -2.70 -2.07 26.37
CA ARG A 69 -2.49 -1.46 25.06
C ARG A 69 -2.36 0.05 25.24
N PRO A 70 -1.21 0.51 25.73
CA PRO A 70 -1.07 1.94 26.12
C PRO A 70 -1.37 2.91 24.98
N ASN A 71 -2.07 3.99 25.34
CA ASN A 71 -2.43 5.10 24.43
C ASN A 71 -2.88 4.61 23.05
N SER A 72 -3.85 3.70 23.05
CA SER A 72 -4.39 3.14 21.83
C SER A 72 -5.91 3.20 21.82
N TYR A 73 -6.47 3.18 20.61
CA TYR A 73 -7.89 3.38 20.39
C TYR A 73 -8.42 2.39 19.35
N LEU A 74 -9.73 2.11 19.45
CA LEU A 74 -10.42 1.22 18.54
C LEU A 74 -11.57 1.97 17.90
N ALA A 75 -11.61 1.98 16.57
CA ALA A 75 -12.74 2.52 15.83
C ALA A 75 -13.39 1.40 15.03
N CYS A 76 -14.71 1.46 14.90
CA CYS A 76 -15.43 0.54 14.04
C CYS A 76 -16.29 1.34 13.08
N SER A 77 -16.33 0.91 11.83
CA SER A 77 -16.95 1.69 10.77
C SER A 77 -18.27 1.08 10.32
N ASP A 78 -19.04 1.89 9.61
CA ASP A 78 -20.21 1.44 8.89
C ASP A 78 -19.82 0.31 7.94
N PRO A 79 -20.64 -0.77 7.84
CA PRO A 79 -20.27 -1.90 6.97
C PRO A 79 -20.12 -1.53 5.50
N SER A 80 -20.68 -0.42 5.06
CA SER A 80 -20.50 0.03 3.69
C SER A 80 -19.19 0.78 3.47
N ASP A 81 -18.40 1.03 4.52
CA ASP A 81 -17.21 1.87 4.40
C ASP A 81 -16.03 1.20 5.08
N VAL A 82 -15.63 0.05 4.53
CA VAL A 82 -14.60 -0.80 5.11
C VAL A 82 -13.40 -0.98 4.19
N ALA A 83 -13.43 -0.43 2.97
CA ALA A 83 -12.41 -0.74 1.98
C ALA A 83 -12.42 0.31 0.86
N ARG A 84 -11.41 0.23 0.00
CA ARG A 84 -11.37 1.09 -1.17
C ARG A 84 -12.53 0.77 -2.12
N VAL A 85 -12.97 1.78 -2.86
CA VAL A 85 -14.05 1.62 -3.83
C VAL A 85 -13.50 2.01 -5.20
N GLU A 86 -13.02 1.01 -5.93
CA GLU A 86 -12.29 1.28 -7.17
C GLU A 86 -13.20 1.82 -8.25
N ASP A 87 -14.46 1.36 -8.28
CA ASP A 87 -15.42 1.86 -9.27
C ASP A 87 -15.77 3.32 -9.09
N ARG A 88 -15.51 3.89 -7.91
CA ARG A 88 -15.81 5.29 -7.63
C ARG A 88 -14.57 6.18 -7.66
N THR A 89 -13.43 5.66 -8.12
CA THR A 89 -12.16 6.36 -8.11
C THR A 89 -11.83 6.76 -9.56
N TYR A 90 -11.53 8.05 -9.78
CA TYR A 90 -11.42 8.62 -11.12
C TYR A 90 -10.12 9.39 -11.32
N ILE A 91 -9.56 9.25 -12.53
CA ILE A 91 -8.49 10.09 -13.05
C ILE A 91 -9.13 10.96 -14.12
N CYS A 92 -9.36 12.22 -13.79
CA CYS A 92 -9.99 13.18 -14.71
C CYS A 92 -8.90 14.01 -15.40
N SER A 93 -8.17 13.34 -16.27
CA SER A 93 -7.22 14.01 -17.14
C SER A 93 -7.96 14.76 -18.24
N ALA A 94 -7.27 15.74 -18.83
CA ALA A 94 -7.88 16.54 -19.88
C ALA A 94 -8.33 15.66 -21.05
N LYS A 95 -7.51 14.71 -21.43
CA LYS A 95 -7.83 13.76 -22.49
C LYS A 95 -8.04 12.37 -21.89
N GLU A 96 -9.06 11.68 -22.39
CA GLU A 96 -9.36 10.33 -21.89
C GLU A 96 -8.19 9.38 -22.10
N GLU A 97 -7.41 9.56 -23.17
CA GLU A 97 -6.30 8.63 -23.45
C GLU A 97 -5.16 8.77 -22.45
N ASN A 98 -5.12 9.85 -21.68
CA ASN A 98 -4.13 9.99 -20.62
C ASN A 98 -4.63 9.44 -19.30
N ALA A 99 -5.84 8.89 -19.26
CA ALA A 99 -6.30 8.06 -18.15
C ALA A 99 -6.11 6.59 -18.48
N GLY A 100 -6.57 6.17 -19.65
CA GLY A 100 -6.27 4.86 -20.15
C GLY A 100 -7.28 3.83 -19.70
N PRO A 101 -7.20 2.63 -20.28
CA PRO A 101 -8.21 1.60 -20.01
C PRO A 101 -8.25 1.11 -18.58
N THR A 102 -7.17 1.26 -17.81
CA THR A 102 -7.19 0.76 -16.43
C THR A 102 -7.81 1.75 -15.45
N ASN A 103 -8.14 2.97 -15.90
CA ASN A 103 -8.69 4.00 -15.03
C ASN A 103 -10.10 4.37 -15.45
N ASN A 104 -10.88 4.88 -14.48
CA ASN A 104 -12.19 5.46 -14.75
C ASN A 104 -12.00 6.93 -15.08
N TRP A 105 -12.54 7.35 -16.21
CA TRP A 105 -12.36 8.72 -16.69
C TRP A 105 -13.70 9.43 -16.81
N MET A 106 -13.65 10.75 -16.67
CA MET A 106 -14.78 11.62 -16.96
C MET A 106 -14.21 12.97 -17.36
N GLU A 107 -14.80 13.60 -18.37
CA GLU A 107 -14.39 14.93 -18.78
C GLU A 107 -14.26 15.83 -17.55
N PRO A 108 -13.11 16.49 -17.33
CA PRO A 108 -12.93 17.29 -16.11
C PRO A 108 -14.04 18.29 -15.83
N SER A 109 -14.52 19.05 -16.83
CA SER A 109 -15.59 20.00 -16.55
C SER A 109 -16.87 19.29 -16.11
N GLU A 110 -17.11 18.09 -16.63
CA GLU A 110 -18.31 17.33 -16.29
C GLU A 110 -18.22 16.74 -14.89
N MET A 111 -17.00 16.32 -14.49
CA MET A 111 -16.84 15.88 -13.10
C MET A 111 -16.95 17.05 -12.14
N ARG A 112 -16.38 18.22 -12.49
CA ARG A 112 -16.52 19.38 -11.63
C ARG A 112 -17.98 19.75 -11.40
N ALA A 113 -18.82 19.63 -12.43
CA ALA A 113 -20.25 19.89 -12.28
C ALA A 113 -20.96 18.81 -11.48
N THR A 114 -20.40 17.60 -11.43
CA THR A 114 -20.95 16.52 -10.61
C THR A 114 -20.61 16.74 -9.14
N LEU A 115 -19.38 17.15 -8.85
CA LEU A 115 -18.94 17.24 -7.45
C LEU A 115 -19.35 18.55 -6.78
N GLN A 116 -19.46 19.64 -7.54
CA GLN A 116 -19.76 20.93 -6.91
C GLN A 116 -21.03 20.88 -6.06
N PRO A 117 -22.16 20.35 -6.52
CA PRO A 117 -23.33 20.28 -5.63
C PRO A 117 -23.15 19.33 -4.46
N LEU A 118 -22.31 18.30 -4.61
CA LEU A 118 -22.06 17.38 -3.51
C LEU A 118 -21.26 18.04 -2.40
N PHE A 119 -20.21 18.79 -2.76
CA PHE A 119 -19.40 19.47 -1.77
C PHE A 119 -20.05 20.75 -1.27
N ASP A 120 -21.00 21.32 -2.01
CA ASP A 120 -21.69 22.53 -1.56
C ASP A 120 -22.48 22.24 -0.28
N GLY A 121 -21.99 22.74 0.85
CA GLY A 121 -22.66 22.54 2.13
C GLY A 121 -22.39 21.20 2.78
N CYS A 122 -21.37 20.46 2.32
CA CYS A 122 -21.16 19.11 2.79
C CYS A 122 -20.78 19.07 4.27
N MET A 123 -20.18 20.15 4.77
CA MET A 123 -19.66 20.19 6.13
C MET A 123 -20.54 21.00 7.09
N ARG A 124 -21.78 21.31 6.71
CA ARG A 124 -22.69 21.96 7.65
C ARG A 124 -22.80 21.13 8.92
N GLY A 125 -22.71 21.80 10.07
CA GLY A 125 -22.80 21.11 11.34
C GLY A 125 -21.51 20.45 11.80
N ARG A 126 -20.42 20.61 11.06
CA ARG A 126 -19.15 19.95 11.39
C ARG A 126 -18.03 20.97 11.40
N THR A 127 -16.89 20.54 11.93
CA THR A 127 -15.64 21.29 11.89
C THR A 127 -14.84 20.86 10.67
N MET A 128 -14.29 21.85 9.97
CA MET A 128 -13.27 21.59 8.95
C MET A 128 -11.91 21.58 9.63
N TYR A 129 -11.19 20.46 9.51
CA TYR A 129 -9.82 20.35 10.00
C TYR A 129 -8.86 20.63 8.87
N VAL A 130 -7.94 21.55 9.10
CA VAL A 130 -6.88 21.87 8.14
C VAL A 130 -5.66 21.06 8.54
N VAL A 131 -5.31 20.08 7.70
CA VAL A 131 -4.28 19.09 8.00
C VAL A 131 -3.08 19.35 7.09
N PRO A 132 -2.05 20.07 7.54
CA PRO A 132 -0.87 20.30 6.68
C PRO A 132 0.08 19.11 6.80
N PHE A 133 0.65 18.68 5.67
CA PHE A 133 1.50 17.51 5.73
C PHE A 133 2.59 17.56 4.66
N SER A 134 3.67 16.86 4.94
CA SER A 134 4.75 16.65 3.99
C SER A 134 4.87 15.16 3.70
N MET A 135 4.89 14.81 2.42
CA MET A 135 5.26 13.47 1.98
C MET A 135 6.76 13.50 1.66
N GLY A 136 7.54 12.66 2.35
CA GLY A 136 8.98 12.77 2.34
C GLY A 136 9.44 13.64 3.50
N PRO A 137 10.71 13.51 3.91
CA PRO A 137 11.20 14.27 5.08
C PRO A 137 11.04 15.77 4.89
N LEU A 138 10.69 16.45 5.98
CA LEU A 138 10.36 17.87 5.95
C LEU A 138 11.50 18.71 5.40
N GLY A 139 11.21 19.47 4.35
CA GLY A 139 12.17 20.39 3.79
C GLY A 139 13.24 19.78 2.92
N SER A 140 13.13 18.48 2.60
CA SER A 140 14.13 17.83 1.78
C SER A 140 13.84 18.06 0.30
N PRO A 141 14.85 17.89 -0.57
CA PRO A 141 14.65 18.20 -2.01
C PRO A 141 13.62 17.30 -2.69
N ILE A 142 13.33 16.12 -2.14
CA ILE A 142 12.40 15.20 -2.77
C ILE A 142 10.99 15.29 -2.20
N ALA A 143 10.77 16.08 -1.15
CA ALA A 143 9.48 16.09 -0.46
C ALA A 143 8.48 17.01 -1.14
N HIS A 144 7.20 16.70 -0.96
CA HIS A 144 6.11 17.52 -1.45
C HIS A 144 5.14 17.76 -0.31
N ILE A 145 4.60 18.96 -0.26
CA ILE A 145 3.69 19.36 0.79
C ILE A 145 2.25 19.33 0.28
N GLY A 146 1.36 18.83 1.10
CA GLY A 146 -0.06 18.90 0.82
C GLY A 146 -0.82 19.53 1.97
N ILE A 147 -2.01 20.00 1.65
CA ILE A 147 -2.96 20.46 2.66
C ILE A 147 -4.25 19.69 2.42
N GLU A 148 -4.69 18.92 3.41
CA GLU A 148 -5.96 18.21 3.33
C GLU A 148 -6.96 18.91 4.23
N LEU A 149 -8.05 19.37 3.66
CA LEU A 149 -9.21 19.84 4.41
C LEU A 149 -10.16 18.67 4.61
N SER A 150 -10.52 18.40 5.86
CA SER A 150 -11.36 17.26 6.18
C SER A 150 -12.34 17.63 7.28
N ASP A 151 -13.53 17.04 7.23
CA ASP A 151 -14.49 17.16 8.33
C ASP A 151 -14.46 15.95 9.26
N SER A 152 -13.39 15.17 9.23
CA SER A 152 -13.24 13.98 10.06
C SER A 152 -12.02 14.08 10.97
N PRO A 153 -12.20 14.16 12.29
CA PRO A 153 -11.03 14.08 13.17
C PRO A 153 -10.31 12.73 13.10
N TYR A 154 -11.02 11.66 12.71
CA TYR A 154 -10.36 10.38 12.48
C TYR A 154 -9.29 10.49 11.40
N VAL A 155 -9.60 11.20 10.30
CA VAL A 155 -8.60 11.47 9.27
C VAL A 155 -7.41 12.24 9.86
N ALA A 156 -7.71 13.25 10.69
CA ALA A 156 -6.66 14.11 11.24
C ALA A 156 -5.68 13.31 12.10
N VAL A 157 -6.20 12.44 12.99
CA VAL A 157 -5.28 11.69 13.86
C VAL A 157 -4.53 10.63 13.07
N ASN A 158 -5.17 10.02 12.07
CA ASN A 158 -4.44 9.06 11.24
C ASN A 158 -3.37 9.74 10.39
N MET A 159 -3.63 10.97 9.94
CA MET A 159 -2.63 11.69 9.16
C MET A 159 -1.40 12.06 10.01
N LYS A 160 -1.61 12.28 11.31
CA LYS A 160 -0.51 12.55 12.22
C LYS A 160 0.49 11.39 12.23
N ILE A 161 -0.03 10.16 12.17
CA ILE A 161 0.82 8.97 12.22
C ILE A 161 1.40 8.65 10.85
N MET A 162 0.58 8.77 9.79
CA MET A 162 1.00 8.31 8.47
C MET A 162 1.83 9.33 7.70
N THR A 163 1.85 10.60 8.09
CA THR A 163 2.60 11.63 7.39
C THR A 163 3.37 12.45 8.42
N ARG A 164 4.22 13.35 7.93
CA ARG A 164 4.80 14.40 8.77
C ARG A 164 3.82 15.59 8.78
N MET A 165 3.07 15.73 9.87
CA MET A 165 1.89 16.57 9.90
C MET A 165 2.07 17.75 10.84
N GLY A 166 1.59 18.93 10.43
CA GLY A 166 1.34 20.00 11.36
C GLY A 166 2.15 21.26 11.05
N LYS A 167 2.43 22.04 12.10
CA LYS A 167 2.85 23.43 11.90
C LYS A 167 4.22 23.53 11.25
N ALA A 168 5.11 22.54 11.45
CA ALA A 168 6.44 22.61 10.83
C ALA A 168 6.38 22.72 9.32
N VAL A 169 5.26 22.28 8.72
CA VAL A 169 5.08 22.35 7.27
C VAL A 169 5.13 23.79 6.78
N PHE A 170 4.58 24.72 7.57
CA PHE A 170 4.48 26.10 7.10
C PHE A 170 5.83 26.78 7.08
N GLU A 171 6.80 26.30 7.85
CA GLU A 171 8.16 26.82 7.72
C GLU A 171 8.74 26.50 6.34
N VAL A 172 8.45 25.31 5.82
CA VAL A 172 8.94 24.93 4.48
C VAL A 172 8.13 25.67 3.42
N LEU A 173 6.82 25.73 3.58
N LEU A 173 6.82 25.77 3.60
CA LEU A 173 5.97 26.42 2.60
CA LEU A 173 5.96 26.40 2.61
C LEU A 173 6.37 27.88 2.46
C LEU A 173 6.27 27.89 2.47
N GLY A 174 6.59 28.56 3.58
CA GLY A 174 6.92 29.97 3.53
C GLY A 174 5.79 30.80 2.96
N THR A 175 6.17 31.91 2.32
CA THR A 175 5.20 32.84 1.78
C THR A 175 4.73 32.42 0.38
N GLU A 176 5.56 31.69 -0.36
CA GLU A 176 5.30 31.44 -1.77
C GLU A 176 5.29 29.97 -2.19
N GLY A 177 5.56 29.03 -1.29
CA GLY A 177 5.60 27.64 -1.68
C GLY A 177 4.26 27.14 -2.18
N ASP A 178 4.31 26.16 -3.08
CA ASP A 178 3.11 25.52 -3.60
C ASP A 178 2.74 24.32 -2.72
N PHE A 179 1.50 23.88 -2.88
CA PHE A 179 1.01 22.74 -2.11
C PHE A 179 0.05 21.95 -2.98
N VAL A 180 -0.08 20.66 -2.67
CA VAL A 180 -1.11 19.82 -3.27
C VAL A 180 -2.44 20.08 -2.57
N PRO A 181 -3.49 20.52 -3.28
CA PRO A 181 -4.78 20.77 -2.65
C PRO A 181 -5.67 19.52 -2.56
N CYS A 182 -6.06 19.17 -1.34
CA CYS A 182 -6.83 17.96 -1.04
C CYS A 182 -8.04 18.33 -0.22
N VAL A 183 -9.23 17.93 -0.69
N VAL A 183 -9.23 17.94 -0.68
CA VAL A 183 -10.49 18.18 -0.01
CA VAL A 183 -10.44 18.21 0.09
C VAL A 183 -11.15 16.84 0.31
C VAL A 183 -11.19 16.91 0.31
N HIS A 184 -11.57 16.66 1.57
CA HIS A 184 -12.21 15.42 1.97
C HIS A 184 -13.45 15.72 2.80
N THR A 185 -14.57 15.06 2.49
CA THR A 185 -15.73 15.12 3.35
C THR A 185 -16.32 13.73 3.50
N VAL A 186 -16.81 13.43 4.70
CA VAL A 186 -17.57 12.20 4.90
C VAL A 186 -18.95 12.25 4.27
N GLY A 187 -19.36 13.42 3.78
CA GLY A 187 -20.61 13.52 3.04
C GLY A 187 -21.85 13.34 3.88
N ALA A 188 -21.82 13.82 5.12
CA ALA A 188 -22.93 13.61 6.07
C ALA A 188 -23.20 14.90 6.84
N PRO A 189 -23.63 15.95 6.14
CA PRO A 189 -23.90 17.23 6.83
C PRO A 189 -24.98 17.04 7.89
N LEU A 190 -24.90 17.85 8.94
CA LEU A 190 -25.74 17.71 10.13
C LEU A 190 -26.61 18.94 10.28
N ALA A 191 -27.89 18.72 10.53
CA ALA A 191 -28.78 19.83 10.86
C ALA A 191 -28.58 20.25 12.31
N GLU A 192 -29.06 21.46 12.62
CA GLU A 192 -29.03 21.93 14.01
C GLU A 192 -29.78 20.95 14.90
N GLY A 193 -29.12 20.51 15.97
CA GLY A 193 -29.72 19.58 16.90
C GLY A 193 -29.78 18.14 16.44
N GLU A 194 -29.28 17.82 15.24
CA GLU A 194 -29.33 16.46 14.74
C GLU A 194 -28.28 15.59 15.43
N GLN A 195 -28.66 14.36 15.78
CA GLN A 195 -27.76 13.41 16.39
C GLN A 195 -26.83 12.80 15.34
N ASP A 196 -25.52 12.87 15.58
CA ASP A 196 -24.56 12.26 14.67
C ASP A 196 -24.46 10.76 14.93
N VAL A 197 -23.94 10.03 13.94
CA VAL A 197 -23.64 8.62 14.08
C VAL A 197 -22.16 8.47 14.42
N THR A 198 -21.76 7.28 14.87
CA THR A 198 -20.37 7.12 15.30
C THR A 198 -19.41 7.04 14.12
N TRP A 199 -19.86 6.58 12.95
CA TRP A 199 -19.03 6.54 11.76
C TRP A 199 -19.78 7.20 10.60
N PRO A 200 -19.70 8.51 10.48
CA PRO A 200 -20.43 9.19 9.41
C PRO A 200 -19.80 8.88 8.06
N CYS A 201 -20.66 8.67 7.07
CA CYS A 201 -20.24 8.34 5.71
C CYS A 201 -21.45 8.47 4.80
N ASN A 202 -21.25 8.23 3.52
CA ASN A 202 -22.31 8.30 2.53
C ASN A 202 -22.22 7.07 1.65
N LYS A 203 -23.37 6.48 1.31
CA LYS A 203 -23.38 5.39 0.35
C LYS A 203 -22.81 5.83 -0.99
N THR A 204 -22.95 7.11 -1.32
CA THR A 204 -22.41 7.70 -2.54
C THR A 204 -20.99 8.17 -2.29
N LYS A 205 -20.06 7.69 -3.09
CA LYS A 205 -18.65 8.00 -2.88
C LYS A 205 -17.99 8.41 -4.19
N TYR A 206 -17.06 9.36 -4.10
CA TYR A 206 -16.18 9.72 -5.20
C TYR A 206 -14.78 9.93 -4.65
N ILE A 207 -13.78 9.45 -5.36
CA ILE A 207 -12.39 9.79 -5.06
C ILE A 207 -11.81 10.23 -6.40
N VAL A 208 -11.63 11.54 -6.57
CA VAL A 208 -11.38 12.13 -7.87
C VAL A 208 -10.03 12.85 -7.87
N HIS A 209 -9.26 12.63 -8.94
CA HIS A 209 -7.94 13.21 -9.14
C HIS A 209 -7.93 14.01 -10.43
N TYR A 210 -7.48 15.26 -10.38
CA TYR A 210 -7.29 16.08 -11.58
C TYR A 210 -5.80 16.29 -11.80
N PRO A 211 -5.14 15.52 -12.67
CA PRO A 211 -3.67 15.60 -12.76
C PRO A 211 -3.14 16.95 -13.20
N GLU A 212 -3.87 17.69 -14.03
CA GLU A 212 -3.34 18.95 -14.54
C GLU A 212 -3.24 20.01 -13.44
N THR A 213 -4.11 19.94 -12.43
CA THR A 213 -4.07 20.86 -11.30
C THR A 213 -3.58 20.21 -10.01
N ARG A 214 -3.39 18.90 -10.01
CA ARG A 214 -3.02 18.11 -8.84
C ARG A 214 -4.09 18.15 -7.74
N GLU A 215 -5.33 18.49 -8.09
CA GLU A 215 -6.41 18.50 -7.12
C GLU A 215 -6.89 17.09 -6.81
N ILE A 216 -7.18 16.85 -5.54
CA ILE A 216 -7.77 15.61 -5.05
C ILE A 216 -9.04 15.98 -4.31
N TRP A 217 -10.15 15.34 -4.68
CA TRP A 217 -11.44 15.50 -4.03
C TRP A 217 -11.92 14.13 -3.59
N SER A 218 -12.29 14.00 -2.32
CA SER A 218 -12.77 12.73 -1.78
C SER A 218 -14.07 12.95 -1.03
N TYR A 219 -15.12 12.22 -1.42
CA TYR A 219 -16.46 12.40 -0.89
C TYR A 219 -17.03 11.07 -0.41
N GLY A 220 -17.50 11.02 0.84
CA GLY A 220 -18.39 9.95 1.30
C GLY A 220 -17.75 8.87 2.15
N SER A 221 -16.43 8.76 2.18
CA SER A 221 -15.75 7.67 2.86
C SER A 221 -14.83 8.19 3.94
N GLY A 222 -14.80 7.50 5.08
CA GLY A 222 -13.82 7.77 6.11
C GLY A 222 -12.73 6.72 6.18
N TYR A 223 -12.81 5.70 5.32
CA TYR A 223 -11.83 4.62 5.30
C TYR A 223 -10.47 5.11 4.80
N GLY A 224 -9.41 4.64 5.45
CA GLY A 224 -8.09 5.25 5.26
C GLY A 224 -7.64 5.30 3.82
N GLY A 225 -7.90 4.23 3.05
CA GLY A 225 -7.45 4.21 1.67
C GLY A 225 -8.13 5.25 0.80
N ASN A 226 -9.35 5.65 1.15
CA ASN A 226 -10.12 6.65 0.40
C ASN A 226 -9.93 8.06 0.93
N ALA A 227 -9.52 8.23 2.19
CA ALA A 227 -9.59 9.50 2.88
C ALA A 227 -8.25 10.04 3.36
N LEU A 228 -7.23 9.20 3.48
CA LEU A 228 -5.89 9.69 3.79
C LEU A 228 -5.28 10.09 2.46
N LEU A 229 -5.47 11.36 2.09
CA LEU A 229 -5.26 11.74 0.70
C LEU A 229 -3.78 11.89 0.33
N GLY A 230 -2.87 11.97 1.30
CA GLY A 230 -1.47 11.96 0.94
C GLY A 230 -0.98 10.61 0.46
N LYS A 231 -1.68 9.54 0.81
CA LYS A 231 -1.19 8.18 0.65
C LYS A 231 -1.39 7.69 -0.79
N LYS A 232 -2.55 7.09 -1.09
CA LYS A 232 -2.76 6.57 -2.44
C LYS A 232 -3.01 7.70 -3.43
N CYS A 233 -3.87 8.66 -3.07
CA CYS A 233 -4.28 9.70 -4.00
C CYS A 233 -3.10 10.57 -4.43
N PHE A 234 -2.35 11.11 -3.48
CA PHE A 234 -1.19 11.89 -3.92
C PHE A 234 0.03 11.03 -4.21
N ALA A 235 0.51 10.27 -3.22
CA ALA A 235 1.84 9.69 -3.34
C ALA A 235 1.92 8.54 -4.35
N LEU A 236 0.79 8.04 -4.85
CA LEU A 236 0.79 7.14 -6.00
C LEU A 236 0.14 7.77 -7.22
N ARG A 237 -1.13 8.15 -7.15
CA ARG A 237 -1.84 8.56 -8.36
C ARG A 237 -1.29 9.88 -8.92
N ILE A 238 -1.24 10.93 -8.10
CA ILE A 238 -0.69 12.19 -8.61
C ILE A 238 0.81 12.06 -8.83
N ALA A 239 1.52 11.47 -7.87
CA ALA A 239 2.98 11.41 -7.96
C ALA A 239 3.45 10.63 -9.17
N SER A 240 2.73 9.55 -9.57
CA SER A 240 3.18 8.79 -10.72
C SER A 240 3.14 9.65 -12.00
N ASN A 241 2.17 10.55 -12.09
N ASN A 241 2.12 10.51 -12.11
CA ASN A 241 2.10 11.49 -13.22
CA ASN A 241 2.08 11.51 -13.18
C ASN A 241 3.24 12.50 -13.18
C ASN A 241 3.30 12.41 -13.15
N MET A 242 3.55 13.03 -12.00
CA MET A 242 4.70 13.92 -11.87
C MET A 242 5.99 13.20 -12.23
N GLY A 243 6.12 11.95 -11.79
CA GLY A 243 7.32 11.19 -12.10
C GLY A 243 7.49 10.92 -13.57
N ARG A 244 6.38 10.63 -14.26
N ARG A 244 6.39 10.62 -14.28
CA ARG A 244 6.44 10.42 -15.71
CA ARG A 244 6.47 10.41 -15.72
C ARG A 244 6.95 11.66 -16.43
C ARG A 244 6.96 11.66 -16.43
N ASP A 245 6.58 12.84 -15.94
CA ASP A 245 7.01 14.08 -16.57
C ASP A 245 8.44 14.46 -16.19
N GLU A 246 8.93 13.98 -15.05
CA GLU A 246 10.19 14.45 -14.48
C GLU A 246 11.25 13.37 -14.33
N GLY A 247 11.00 12.16 -14.81
CA GLY A 247 12.00 11.12 -14.80
C GLY A 247 12.17 10.37 -13.49
N TRP A 248 11.07 10.13 -12.76
CA TRP A 248 11.13 9.30 -11.56
C TRP A 248 9.86 8.45 -11.45
N LEU A 249 9.83 7.56 -10.47
CA LEU A 249 8.75 6.59 -10.33
C LEU A 249 8.09 6.73 -8.97
N ALA A 250 6.78 6.55 -8.96
CA ALA A 250 6.02 6.36 -7.73
C ALA A 250 5.38 4.98 -7.80
N GLU A 251 5.78 4.08 -6.90
CA GLU A 251 5.46 2.65 -7.03
C GLU A 251 4.81 2.11 -5.77
N HIS A 252 3.98 1.09 -5.94
CA HIS A 252 3.30 0.41 -4.83
C HIS A 252 4.22 -0.68 -4.27
N MET A 253 5.32 -0.24 -3.66
CA MET A 253 6.40 -1.15 -3.27
C MET A 253 6.87 -0.91 -1.84
N LEU A 254 7.14 -2.01 -1.13
CA LEU A 254 7.94 -1.95 0.09
C LEU A 254 9.41 -1.71 -0.28
N ILE A 255 10.19 -1.27 0.70
CA ILE A 255 11.64 -1.17 0.58
C ILE A 255 12.22 -1.75 1.85
N LEU A 256 13.13 -2.71 1.72
CA LEU A 256 13.76 -3.35 2.87
C LEU A 256 15.26 -3.41 2.65
N GLY A 257 15.99 -3.44 3.76
CA GLY A 257 17.42 -3.67 3.74
C GLY A 257 17.68 -5.06 4.30
N VAL A 258 18.66 -5.77 3.72
CA VAL A 258 19.01 -7.08 4.24
C VAL A 258 20.53 -7.18 4.31
N THR A 259 21.03 -7.65 5.45
N THR A 259 21.03 -7.62 5.46
CA THR A 259 22.47 -7.79 5.69
CA THR A 259 22.45 -7.81 5.70
C THR A 259 22.77 -9.26 5.94
C THR A 259 22.73 -9.29 5.90
N ASN A 260 23.75 -9.80 5.21
CA ASN A 260 24.11 -11.20 5.35
C ASN A 260 25.21 -11.34 6.40
N PRO A 261 25.59 -12.57 6.76
CA PRO A 261 26.57 -12.72 7.86
C PRO A 261 27.95 -12.17 7.52
N GLU A 262 28.26 -11.92 6.25
CA GLU A 262 29.53 -11.30 5.89
C GLU A 262 29.47 -9.78 6.03
N GLY A 263 28.35 -9.24 6.49
CA GLY A 263 28.18 -7.82 6.69
C GLY A 263 27.81 -7.03 5.46
N LYS A 264 27.58 -7.68 4.31
CA LYS A 264 27.15 -6.95 3.13
C LYS A 264 25.66 -6.66 3.22
N LYS A 265 25.28 -5.43 2.88
CA LYS A 265 23.89 -5.01 2.97
C LYS A 265 23.38 -4.69 1.57
N TYR A 266 22.16 -5.17 1.28
CA TYR A 266 21.48 -4.96 0.01
C TYR A 266 20.09 -4.38 0.29
N HIS A 267 19.51 -3.71 -0.71
CA HIS A 267 18.14 -3.22 -0.60
C HIS A 267 17.32 -3.75 -1.76
N VAL A 268 16.08 -4.11 -1.45
CA VAL A 268 15.17 -4.61 -2.46
CA VAL A 268 15.13 -4.69 -2.38
C VAL A 268 13.84 -3.89 -2.29
N ALA A 269 13.16 -3.78 -3.42
CA ALA A 269 11.85 -3.15 -3.52
C ALA A 269 10.91 -4.21 -4.09
N ALA A 270 9.74 -4.38 -3.48
CA ALA A 270 8.80 -5.43 -3.86
C ALA A 270 7.40 -4.87 -4.02
N ALA A 271 6.79 -5.13 -5.17
CA ALA A 271 5.44 -4.71 -5.47
C ALA A 271 4.53 -5.94 -5.39
N PHE A 272 3.73 -6.02 -4.34
CA PHE A 272 2.63 -6.97 -4.26
C PHE A 272 1.32 -6.19 -4.19
N PRO A 273 0.22 -6.72 -4.70
CA PRO A 273 -1.06 -5.99 -4.58
C PRO A 273 -1.50 -5.81 -3.12
N SER A 274 -2.51 -4.95 -2.93
CA SER A 274 -3.07 -4.73 -1.59
C SER A 274 -3.45 -6.06 -0.95
N ALA A 275 -3.00 -6.25 0.30
CA ALA A 275 -3.27 -7.43 1.12
C ALA A 275 -2.65 -8.69 0.52
N CYS A 276 -1.47 -8.56 -0.13
CA CYS A 276 -0.79 -9.70 -0.72
C CYS A 276 0.66 -9.85 -0.23
N GLY A 277 1.00 -9.25 0.92
CA GLY A 277 2.21 -9.62 1.63
C GLY A 277 3.30 -8.58 1.86
N LYS A 278 3.08 -7.32 1.48
CA LYS A 278 4.18 -6.37 1.56
C LYS A 278 4.59 -6.10 3.00
N THR A 279 3.62 -5.77 3.87
CA THR A 279 3.95 -5.42 5.25
C THR A 279 4.68 -6.57 5.95
N ASN A 280 4.21 -7.81 5.74
CA ASN A 280 4.86 -8.97 6.36
C ASN A 280 6.25 -9.21 5.82
N PHE A 281 6.47 -9.00 4.51
CA PHE A 281 7.81 -9.19 3.93
C PHE A 281 8.76 -8.06 4.37
N SER A 282 8.26 -6.83 4.45
CA SER A 282 9.12 -5.66 4.68
C SER A 282 9.74 -5.65 6.08
N MET A 283 9.18 -6.41 7.02
CA MET A 283 9.75 -6.50 8.36
C MET A 283 9.89 -7.94 8.80
N LEU A 284 10.14 -8.86 7.86
CA LEU A 284 10.23 -10.26 8.23
C LEU A 284 11.43 -10.52 9.14
N VAL A 285 11.33 -11.56 9.95
CA VAL A 285 12.40 -11.99 10.84
C VAL A 285 13.02 -13.25 10.25
N PRO A 286 14.34 -13.27 10.00
CA PRO A 286 14.98 -14.47 9.46
C PRO A 286 14.77 -15.67 10.38
N PRO A 287 14.33 -16.79 9.82
CA PRO A 287 14.02 -17.95 10.66
C PRO A 287 15.27 -18.74 11.04
N ALA A 288 15.06 -19.90 11.65
CA ALA A 288 16.15 -20.83 11.91
C ALA A 288 16.95 -21.07 10.64
N GLY A 289 18.26 -21.21 10.78
CA GLY A 289 19.14 -21.35 9.66
C GLY A 289 19.77 -20.06 9.17
N PHE A 290 19.35 -18.92 9.69
CA PHE A 290 19.83 -17.64 9.17
C PHE A 290 20.48 -16.80 10.26
N ASP A 291 21.21 -17.45 11.17
CA ASP A 291 22.02 -16.74 12.14
C ASP A 291 22.97 -15.77 11.44
N GLY A 292 23.02 -14.53 11.93
CA GLY A 292 23.87 -13.51 11.34
C GLY A 292 23.24 -12.69 10.24
N TRP A 293 22.05 -13.06 9.77
CA TRP A 293 21.30 -12.23 8.82
C TRP A 293 20.41 -11.26 9.59
N SER A 294 20.17 -10.09 8.98
CA SER A 294 19.19 -9.16 9.54
C SER A 294 18.40 -8.50 8.41
N VAL A 295 17.15 -8.21 8.70
CA VAL A 295 16.23 -7.54 7.77
C VAL A 295 15.73 -6.29 8.46
N THR A 296 15.74 -5.16 7.75
CA THR A 296 15.29 -3.89 8.30
C THR A 296 14.34 -3.20 7.33
N THR A 297 13.43 -2.41 7.88
CA THR A 297 12.34 -1.84 7.10
C THR A 297 12.61 -0.39 6.75
N ILE A 298 12.58 -0.08 5.46
N ILE A 298 12.53 -0.06 5.47
CA ILE A 298 12.53 1.31 5.00
CA ILE A 298 12.52 1.33 5.03
C ILE A 298 11.08 1.76 4.88
C ILE A 298 11.09 1.81 4.80
N GLY A 299 10.27 0.99 4.15
CA GLY A 299 8.86 1.28 4.03
C GLY A 299 8.10 0.02 3.62
N ASP A 300 6.77 0.08 3.79
CA ASP A 300 5.98 -1.12 3.51
C ASP A 300 4.93 -0.93 2.42
N ASP A 301 4.89 0.21 1.71
CA ASP A 301 3.72 0.42 0.86
C ASP A 301 3.98 1.30 -0.35
N ILE A 302 4.72 2.40 -0.18
CA ILE A 302 4.91 3.36 -1.26
C ILE A 302 6.40 3.68 -1.39
N ALA A 303 6.88 3.69 -2.63
CA ALA A 303 8.27 4.00 -2.90
C ALA A 303 8.38 5.04 -4.01
N TRP A 304 9.22 6.05 -3.81
CA TRP A 304 9.55 7.02 -4.84
C TRP A 304 10.99 6.75 -5.24
N ILE A 305 11.23 6.60 -6.55
CA ILE A 305 12.50 6.05 -7.04
C ILE A 305 12.99 6.88 -8.22
N LYS A 306 14.27 7.25 -8.23
CA LYS A 306 14.81 7.91 -9.40
C LYS A 306 16.25 7.47 -9.66
N PRO A 307 16.66 7.47 -10.92
CA PRO A 307 18.02 7.06 -11.24
C PRO A 307 19.01 8.18 -10.94
N ALA A 308 20.27 7.78 -10.73
CA ALA A 308 21.35 8.71 -10.52
C ALA A 308 22.40 8.53 -11.62
N ALA A 309 23.33 9.48 -11.68
CA ALA A 309 24.38 9.41 -12.70
C ALA A 309 25.29 8.20 -12.51
N ASP A 310 25.40 7.66 -11.29
CA ASP A 310 26.23 6.49 -11.08
C ASP A 310 25.60 5.21 -11.61
N GLY A 311 24.44 5.30 -12.26
CA GLY A 311 23.74 4.15 -12.81
C GLY A 311 22.94 3.34 -11.81
N LYS A 312 22.75 3.85 -10.61
CA LYS A 312 21.95 3.18 -9.59
C LYS A 312 20.57 3.83 -9.49
N LEU A 313 19.61 3.06 -8.95
CA LEU A 313 18.27 3.56 -8.68
C LEU A 313 18.13 3.78 -7.17
N TYR A 314 17.76 5.01 -6.77
CA TYR A 314 17.63 5.35 -5.35
C TYR A 314 16.15 5.47 -4.98
N ALA A 315 15.77 4.81 -3.89
CA ALA A 315 14.38 4.79 -3.42
C ALA A 315 14.24 5.46 -2.06
N ILE A 316 13.15 6.20 -1.88
CA ILE A 316 12.74 6.67 -0.56
C ILE A 316 11.29 6.27 -0.30
N ASN A 317 10.97 6.11 0.98
CA ASN A 317 9.60 5.89 1.44
C ASN A 317 9.01 7.24 1.86
N PRO A 318 7.99 7.76 1.16
CA PRO A 318 7.46 9.08 1.52
C PRO A 318 6.54 9.10 2.73
N GLU A 319 6.17 7.94 3.28
CA GLU A 319 5.25 7.87 4.39
C GLU A 319 5.99 7.84 5.73
N ALA A 320 5.24 8.02 6.82
CA ALA A 320 5.80 8.05 8.16
C ALA A 320 5.26 6.94 9.05
N GLY A 321 4.36 6.09 8.55
CA GLY A 321 3.75 5.06 9.37
C GLY A 321 3.26 3.92 8.51
N TYR A 322 2.67 2.93 9.19
CA TYR A 322 2.11 1.73 8.56
C TYR A 322 0.61 1.72 8.77
N PHE A 323 -0.13 1.47 7.69
CA PHE A 323 -1.58 1.31 7.71
C PHE A 323 -1.82 -0.11 7.24
N GLY A 324 -1.67 -1.07 8.15
CA GLY A 324 -1.53 -2.48 7.78
C GLY A 324 -2.74 -3.35 8.08
N VAL A 325 -2.90 -4.40 7.26
CA VAL A 325 -3.93 -5.40 7.51
C VAL A 325 -3.68 -6.10 8.84
N ALA A 326 -4.69 -6.16 9.69
CA ALA A 326 -4.44 -6.82 10.98
C ALA A 326 -4.62 -8.34 10.96
N PRO A 327 -5.72 -8.90 10.42
CA PRO A 327 -5.93 -10.36 10.56
C PRO A 327 -4.73 -11.13 10.02
N GLY A 328 -4.37 -12.19 10.74
CA GLY A 328 -3.24 -13.03 10.40
C GLY A 328 -2.00 -12.71 11.19
N THR A 329 -1.94 -11.54 11.81
CA THR A 329 -0.73 -11.11 12.51
C THR A 329 -0.65 -11.75 13.89
N ASN A 330 0.50 -12.35 14.16
CA ASN A 330 0.80 -12.96 15.45
C ASN A 330 2.32 -13.05 15.57
N MET A 331 2.79 -13.66 16.65
CA MET A 331 4.23 -13.70 16.89
C MET A 331 4.98 -14.67 15.99
N LEU A 332 4.29 -15.57 15.29
CA LEU A 332 5.00 -16.39 14.30
C LEU A 332 5.02 -15.74 12.92
N THR A 333 3.91 -15.13 12.52
CA THR A 333 3.82 -14.59 11.17
C THR A 333 4.53 -13.25 11.03
N ASN A 334 4.43 -12.38 12.03
CA ASN A 334 5.02 -11.04 11.95
C ASN A 334 5.27 -10.50 13.35
N PRO A 335 6.30 -11.01 14.03
CA PRO A 335 6.60 -10.49 15.38
C PRO A 335 6.98 -9.01 15.41
N ASN A 336 7.67 -8.48 14.39
CA ASN A 336 8.00 -7.05 14.42
C ASN A 336 6.73 -6.21 14.40
N CYS A 337 5.71 -6.64 13.67
CA CYS A 337 4.45 -5.92 13.68
C CYS A 337 3.74 -6.05 15.02
N MET A 338 3.72 -7.26 15.58
CA MET A 338 3.15 -7.44 16.93
C MET A 338 3.78 -6.50 17.94
N LEU A 339 5.11 -6.38 17.92
CA LEU A 339 5.79 -5.44 18.80
C LEU A 339 5.47 -4.00 18.44
N SER A 340 5.33 -3.70 17.14
CA SER A 340 5.02 -2.32 16.73
C SER A 340 3.71 -1.85 17.33
N VAL A 341 2.67 -2.70 17.32
CA VAL A 341 1.34 -2.27 17.73
C VAL A 341 1.11 -2.54 19.23
N ARG A 342 2.19 -2.64 20.01
N ARG A 342 2.20 -2.62 19.99
CA ARG A 342 2.04 -2.79 21.45
CA ARG A 342 2.11 -2.77 21.45
C ARG A 342 1.41 -1.56 22.10
C ARG A 342 1.43 -1.56 22.08
N GLY A 343 1.49 -0.40 21.44
CA GLY A 343 0.89 0.81 21.98
C GLY A 343 0.97 1.91 20.96
N ASN A 344 0.33 3.03 21.30
CA ASN A 344 0.31 4.24 20.45
C ASN A 344 -0.28 3.95 19.07
N THR A 345 -1.25 3.04 19.02
CA THR A 345 -1.80 2.53 17.77
C THR A 345 -3.29 2.89 17.67
N ILE A 346 -3.76 3.09 16.45
CA ILE A 346 -5.19 3.13 16.15
C ILE A 346 -5.57 1.85 15.44
N PHE A 347 -6.54 1.12 15.98
CA PHE A 347 -7.06 -0.08 15.33
C PHE A 347 -8.44 0.23 14.76
N THR A 348 -8.72 -0.31 13.57
CA THR A 348 -10.00 -0.08 12.92
C THR A 348 -10.61 -1.42 12.53
N ASN A 349 -11.79 -1.70 13.06
CA ASN A 349 -12.63 -2.84 12.70
C ASN A 349 -12.07 -4.17 13.20
N VAL A 350 -11.26 -4.14 14.27
CA VAL A 350 -10.93 -5.40 14.93
C VAL A 350 -11.90 -5.59 16.09
N ALA A 351 -11.75 -6.70 16.84
CA ALA A 351 -12.66 -7.05 17.91
C ALA A 351 -12.17 -6.51 19.25
N LEU A 352 -13.09 -6.48 20.22
CA LEU A 352 -12.81 -5.96 21.57
C LEU A 352 -12.93 -7.07 22.60
N THR A 353 -11.91 -7.24 23.44
CA THR A 353 -11.95 -8.28 24.46
C THR A 353 -12.61 -7.77 25.73
N ASP A 354 -12.93 -8.71 26.63
CA ASP A 354 -13.63 -8.34 27.86
C ASP A 354 -12.76 -7.43 28.73
N ASP A 355 -11.44 -7.54 28.61
CA ASP A 355 -10.50 -6.73 29.36
C ASP A 355 -10.10 -5.44 28.65
N GLY A 356 -10.77 -5.09 27.56
CA GLY A 356 -10.49 -3.84 26.87
C GLY A 356 -9.24 -3.86 25.99
N ASP A 357 -8.86 -5.02 25.48
CA ASP A 357 -7.80 -5.14 24.49
C ASP A 357 -8.45 -5.41 23.13
N VAL A 358 -7.62 -5.55 22.11
CA VAL A 358 -8.11 -5.87 20.77
C VAL A 358 -7.76 -7.32 20.44
N TRP A 359 -8.52 -7.89 19.49
CA TRP A 359 -8.28 -9.24 19.02
C TRP A 359 -8.65 -9.30 17.54
N TRP A 360 -7.93 -10.14 16.80
CA TRP A 360 -8.24 -10.45 15.42
C TRP A 360 -7.86 -11.89 15.12
N GLU A 361 -8.57 -12.47 14.15
CA GLU A 361 -8.26 -13.81 13.66
C GLU A 361 -6.77 -13.93 13.39
N GLY A 362 -6.15 -14.98 13.94
CA GLY A 362 -4.72 -15.17 13.89
C GLY A 362 -4.03 -15.04 15.23
N MET A 363 -4.58 -14.21 16.12
CA MET A 363 -3.92 -14.01 17.40
C MET A 363 -4.02 -15.24 18.28
N GLU A 364 -4.94 -16.15 17.99
CA GLU A 364 -5.07 -17.36 18.80
C GLU A 364 -3.84 -18.25 18.69
N GLN A 365 -3.01 -18.09 17.66
N GLN A 365 -3.03 -18.08 17.64
CA GLN A 365 -1.82 -18.92 17.58
CA GLN A 365 -1.76 -18.79 17.50
C GLN A 365 -0.81 -18.59 18.68
C GLN A 365 -0.89 -18.63 18.73
N ASP A 366 -0.95 -17.46 19.37
CA ASP A 366 -0.12 -17.14 20.51
C ASP A 366 -0.82 -17.42 21.85
N ALA A 367 -2.03 -17.98 21.82
CA ALA A 367 -2.87 -18.14 23.00
C ALA A 367 -2.62 -19.49 23.67
N PRO A 368 -2.87 -19.55 24.97
CA PRO A 368 -2.84 -20.86 25.67
C PRO A 368 -3.78 -21.85 25.00
N GLY A 369 -3.26 -23.02 24.70
CA GLY A 369 -3.99 -24.02 23.95
C GLY A 369 -4.31 -23.62 22.54
N LYS A 370 -3.76 -22.49 22.07
CA LYS A 370 -4.05 -21.96 20.74
C LYS A 370 -5.54 -21.80 20.52
N ALA A 371 -6.25 -21.41 21.58
CA ALA A 371 -7.71 -21.37 21.60
C ALA A 371 -8.25 -19.97 21.39
N LEU A 372 -9.43 -19.91 20.78
CA LEU A 372 -10.15 -18.67 20.59
C LEU A 372 -10.59 -18.08 21.95
N PRO A 373 -10.71 -16.77 22.04
CA PRO A 373 -11.25 -16.15 23.27
C PRO A 373 -12.67 -16.60 23.51
N ASP A 374 -13.05 -16.65 24.79
CA ASP A 374 -14.38 -17.13 25.19
C ASP A 374 -15.47 -16.20 24.70
N HIS A 375 -15.21 -14.90 24.67
CA HIS A 375 -16.20 -13.90 24.29
C HIS A 375 -15.50 -12.66 23.77
N LEU A 376 -16.05 -12.08 22.71
CA LEU A 376 -15.57 -10.81 22.17
C LEU A 376 -16.78 -9.99 21.74
N ILE A 377 -16.56 -8.70 21.57
CA ILE A 377 -17.47 -7.84 20.82
C ILE A 377 -16.87 -7.66 19.44
N ASP A 378 -17.58 -8.10 18.40
CA ASP A 378 -16.98 -8.05 17.09
C ASP A 378 -17.04 -6.63 16.52
N TRP A 379 -16.47 -6.44 15.32
CA TRP A 379 -16.36 -5.11 14.73
C TRP A 379 -17.72 -4.50 14.41
N GLN A 380 -18.81 -5.28 14.46
CA GLN A 380 -20.15 -4.76 14.25
C GLN A 380 -20.89 -4.53 15.56
N GLY A 381 -20.20 -4.68 16.70
CA GLY A 381 -20.78 -4.51 18.01
C GLY A 381 -21.52 -5.71 18.56
N LYS A 382 -21.55 -6.82 17.82
CA LYS A 382 -22.28 -8.01 18.20
C LYS A 382 -21.47 -8.91 19.12
N ASP A 383 -22.16 -9.62 20.01
CA ASP A 383 -21.51 -10.66 20.78
C ASP A 383 -20.92 -11.72 19.85
N TRP A 384 -19.72 -12.16 20.20
CA TRP A 384 -19.03 -13.19 19.43
C TRP A 384 -18.49 -14.22 20.41
N THR A 385 -18.59 -15.49 20.04
CA THR A 385 -18.06 -16.58 20.83
C THR A 385 -17.50 -17.62 19.87
N PRO A 386 -16.66 -18.54 20.36
CA PRO A 386 -16.20 -19.63 19.48
C PRO A 386 -17.34 -20.48 18.93
N GLN A 387 -18.44 -20.62 19.67
CA GLN A 387 -19.59 -21.37 19.16
C GLN A 387 -20.20 -20.65 17.96
N ILE A 388 -20.38 -19.33 18.08
CA ILE A 388 -20.84 -18.53 16.95
C ILE A 388 -19.89 -18.68 15.75
N ALA A 389 -18.58 -18.57 15.99
CA ALA A 389 -17.61 -18.74 14.91
C ALA A 389 -17.71 -20.11 14.26
N LYS A 390 -17.87 -21.17 15.08
CA LYS A 390 -17.94 -22.52 14.55
C LYS A 390 -19.21 -22.74 13.74
N GLU A 391 -20.31 -22.14 14.16
CA GLU A 391 -21.60 -22.40 13.52
C GLU A 391 -21.85 -21.52 12.32
N THR A 392 -21.35 -20.29 12.32
CA THR A 392 -21.67 -19.33 11.27
C THR A 392 -20.45 -18.79 10.55
N GLY A 393 -19.24 -19.04 11.04
CA GLY A 393 -18.05 -18.49 10.44
C GLY A 393 -17.88 -17.00 10.62
N ALA A 394 -18.62 -16.39 11.54
CA ALA A 394 -18.54 -14.96 11.77
C ALA A 394 -17.11 -14.57 12.16
N LYS A 395 -16.59 -13.54 11.49
CA LYS A 395 -15.27 -13.02 11.81
C LYS A 395 -15.42 -11.97 12.90
N ALA A 396 -14.62 -12.11 13.97
CA ALA A 396 -14.59 -11.08 15.01
C ALA A 396 -14.04 -9.77 14.45
N ALA A 397 -12.98 -9.83 13.66
CA ALA A 397 -12.39 -8.67 13.02
C ALA A 397 -12.71 -8.72 11.52
N HIS A 398 -12.99 -7.57 10.94
CA HIS A 398 -13.25 -7.53 9.50
C HIS A 398 -11.99 -7.98 8.77
N PRO A 399 -12.14 -8.68 7.63
CA PRO A 399 -10.95 -9.15 6.89
C PRO A 399 -10.04 -8.03 6.40
N ASN A 400 -10.54 -6.81 6.27
CA ASN A 400 -9.70 -5.66 5.92
C ASN A 400 -9.55 -4.70 7.10
N SER A 401 -9.70 -5.20 8.33
CA SER A 401 -9.38 -4.40 9.50
C SER A 401 -7.90 -4.04 9.49
N ARG A 402 -7.60 -2.92 10.11
CA ARG A 402 -6.31 -2.25 9.97
C ARG A 402 -5.79 -1.79 11.32
N PHE A 403 -4.45 -1.73 11.43
CA PHE A 403 -3.80 -0.93 12.45
C PHE A 403 -3.12 0.27 11.77
N THR A 404 -3.06 1.38 12.50
CA THR A 404 -2.27 2.54 12.09
C THR A 404 -1.23 2.80 13.17
N VAL A 405 0.05 2.77 12.80
CA VAL A 405 1.10 2.91 13.81
C VAL A 405 2.30 3.64 13.23
N ALA A 406 3.02 4.36 14.08
CA ALA A 406 4.17 5.11 13.60
C ALA A 406 5.31 4.17 13.22
N ALA A 407 6.04 4.53 12.16
CA ALA A 407 7.16 3.70 11.73
C ALA A 407 8.18 3.51 12.85
N THR A 408 8.34 4.53 13.71
CA THR A 408 9.35 4.45 14.75
C THR A 408 9.01 3.41 15.83
N ASN A 409 7.78 2.90 15.86
CA ASN A 409 7.45 1.78 16.75
C ASN A 409 8.06 0.46 16.32
N ASN A 410 8.50 0.34 15.07
CA ASN A 410 8.98 -0.93 14.49
C ASN A 410 10.39 -1.22 14.98
N PRO A 411 10.61 -2.32 15.71
CA PRO A 411 11.98 -2.64 16.18
C PRO A 411 12.98 -2.86 15.05
N ALA A 412 12.50 -3.23 13.87
CA ALA A 412 13.34 -3.50 12.71
C ALA A 412 13.50 -2.30 11.80
N LEU A 413 13.04 -1.13 12.21
CA LEU A 413 13.13 0.05 11.36
C LEU A 413 14.59 0.30 10.97
N ASP A 414 14.81 0.50 9.67
CA ASP A 414 16.15 0.77 9.18
C ASP A 414 16.61 2.16 9.59
N SER A 415 17.89 2.29 9.90
CA SER A 415 18.39 3.60 10.32
C SER A 415 18.26 4.66 9.22
N ALA A 416 18.18 4.24 7.95
CA ALA A 416 18.04 5.15 6.83
C ALA A 416 16.58 5.30 6.37
N TRP A 417 15.62 4.88 7.19
CA TRP A 417 14.22 4.88 6.75
C TRP A 417 13.75 6.26 6.35
N ASP A 418 14.30 7.32 6.95
CA ASP A 418 13.88 8.68 6.64
C ASP A 418 15.02 9.50 6.03
N ASP A 419 16.00 8.84 5.42
CA ASP A 419 17.12 9.53 4.81
C ASP A 419 16.73 9.99 3.41
N PRO A 420 16.68 11.29 3.14
CA PRO A 420 16.23 11.75 1.81
C PRO A 420 17.20 11.44 0.68
N LYS A 421 18.41 10.96 0.97
CA LYS A 421 19.31 10.47 -0.08
C LYS A 421 18.87 9.12 -0.66
N GLY A 422 18.02 8.39 0.05
CA GLY A 422 17.52 7.13 -0.46
C GLY A 422 18.50 5.97 -0.32
N VAL A 423 18.04 4.80 -0.75
CA VAL A 423 18.84 3.57 -0.74
C VAL A 423 18.87 3.02 -2.16
N ALA A 424 20.03 2.50 -2.57
CA ALA A 424 20.17 1.92 -3.90
C ALA A 424 19.47 0.57 -3.96
N ILE A 425 18.67 0.36 -5.00
CA ILE A 425 17.86 -0.85 -5.11
C ILE A 425 18.65 -1.89 -5.89
N ASP A 426 18.91 -3.03 -5.26
CA ASP A 426 19.65 -4.10 -5.93
C ASP A 426 18.74 -5.05 -6.69
N ALA A 427 17.47 -5.11 -6.35
CA ALA A 427 16.56 -6.01 -7.03
C ALA A 427 15.14 -5.53 -6.83
N PHE A 428 14.31 -5.78 -7.83
CA PHE A 428 12.88 -5.59 -7.78
C PHE A 428 12.21 -6.96 -7.70
N ILE A 429 11.10 -7.04 -6.95
CA ILE A 429 10.29 -8.25 -6.84
C ILE A 429 8.86 -7.88 -7.15
N PHE A 430 8.21 -8.69 -7.99
CA PHE A 430 6.79 -8.52 -8.31
C PHE A 430 6.08 -9.81 -7.99
N GLY A 431 4.90 -9.74 -7.41
CA GLY A 431 4.24 -11.00 -7.17
C GLY A 431 2.80 -10.78 -6.79
N GLY A 432 1.89 -11.58 -7.34
CA GLY A 432 0.50 -11.53 -6.97
C GLY A 432 0.06 -12.77 -6.21
N ARG A 433 -1.19 -12.71 -5.75
CA ARG A 433 -1.83 -13.82 -5.05
C ARG A 433 -2.32 -14.81 -6.11
N ARG A 434 -1.58 -15.89 -6.36
CA ARG A 434 -1.98 -16.84 -7.41
C ARG A 434 -2.04 -18.27 -6.87
N SER A 435 -3.24 -18.85 -6.90
CA SER A 435 -3.42 -20.20 -6.38
C SER A 435 -2.79 -21.25 -7.28
N THR A 436 -2.58 -20.94 -8.56
CA THR A 436 -2.03 -21.86 -9.53
C THR A 436 -0.93 -21.17 -10.32
N THR A 437 -0.28 -21.95 -11.19
CA THR A 437 0.45 -21.47 -12.37
C THR A 437 1.82 -20.85 -12.05
N VAL A 438 1.89 -19.85 -11.18
CA VAL A 438 3.13 -19.10 -10.99
C VAL A 438 4.04 -19.79 -9.98
N PRO A 439 5.31 -20.06 -10.33
CA PRO A 439 6.21 -20.72 -9.37
C PRO A 439 6.63 -19.76 -8.25
N LEU A 440 7.28 -20.36 -7.25
CA LEU A 440 7.67 -19.65 -6.04
C LEU A 440 8.57 -18.45 -6.35
N VAL A 441 9.57 -18.62 -7.22
CA VAL A 441 10.46 -17.51 -7.53
C VAL A 441 11.13 -17.76 -8.88
N THR A 442 11.18 -16.70 -9.69
CA THR A 442 11.77 -16.72 -11.03
C THR A 442 12.56 -15.43 -11.25
N GLU A 443 13.79 -15.53 -11.76
CA GLU A 443 14.58 -14.36 -12.12
C GLU A 443 14.41 -14.08 -13.62
N ALA A 444 14.09 -12.83 -13.95
CA ALA A 444 13.99 -12.45 -15.36
C ALA A 444 15.37 -12.41 -16.02
N ARG A 445 15.42 -12.79 -17.31
CA ARG A 445 16.69 -12.86 -18.03
C ARG A 445 17.22 -11.50 -18.46
N SER A 446 16.35 -10.50 -18.54
CA SER A 446 16.71 -9.16 -19.00
C SER A 446 15.74 -8.17 -18.39
N TRP A 447 16.13 -6.88 -18.45
CA TRP A 447 15.22 -5.83 -17.98
C TRP A 447 13.91 -5.86 -18.73
N VAL A 448 13.96 -6.03 -20.06
CA VAL A 448 12.72 -6.06 -20.85
C VAL A 448 11.84 -7.23 -20.42
N GLU A 449 12.44 -8.40 -20.21
CA GLU A 449 11.67 -9.54 -19.73
C GLU A 449 11.12 -9.31 -18.33
N GLY A 450 11.86 -8.58 -17.50
CA GLY A 450 11.35 -8.25 -16.17
C GLY A 450 10.18 -7.30 -16.22
N VAL A 451 10.26 -6.26 -17.06
CA VAL A 451 9.12 -5.39 -17.29
C VAL A 451 7.93 -6.16 -17.82
N TYR A 452 8.18 -7.13 -18.71
CA TYR A 452 7.11 -8.01 -19.16
C TYR A 452 6.44 -8.75 -17.99
N MET A 453 7.25 -9.38 -17.14
N MET A 453 7.22 -9.29 -17.07
N MET A 453 7.24 -9.33 -17.10
CA MET A 453 6.77 -10.02 -15.92
CA MET A 453 6.61 -10.06 -16.00
CA MET A 453 6.67 -10.04 -15.96
C MET A 453 5.83 -9.09 -15.16
C MET A 453 5.99 -9.20 -14.90
C MET A 453 5.84 -9.12 -15.09
N ALA A 454 6.34 -7.91 -14.83
CA ALA A 454 5.59 -6.96 -14.01
C ALA A 454 4.31 -6.50 -14.71
N ALA A 455 4.41 -6.24 -16.03
CA ALA A 455 3.26 -5.74 -16.79
C ALA A 455 2.13 -6.75 -16.86
N THR A 456 2.45 -8.04 -16.85
CA THR A 456 1.45 -9.08 -17.08
C THR A 456 1.04 -9.85 -15.83
N MET A 457 1.61 -9.52 -14.67
CA MET A 457 1.27 -10.28 -13.47
C MET A 457 -0.23 -10.23 -13.17
N GLY A 458 -0.74 -11.36 -12.67
CA GLY A 458 -2.11 -11.44 -12.20
C GLY A 458 -2.13 -11.67 -10.69
N SER A 459 -3.31 -11.48 -10.11
CA SER A 459 -3.47 -11.62 -8.67
C SER A 459 -4.95 -11.75 -8.34
N GLU A 460 -5.25 -12.57 -7.32
CA GLU A 460 -6.64 -12.73 -6.87
C GLU A 460 -7.07 -11.55 -6.02
N THR A 461 -8.26 -11.02 -6.29
CA THR A 461 -8.75 -9.86 -5.56
C THR A 461 -8.85 -10.17 -4.07
N THR A 462 -8.72 -9.12 -3.26
CA THR A 462 -8.69 -9.25 -1.80
C THR A 462 -9.75 -8.34 -1.19
N ALA A 463 -9.89 -8.43 0.13
CA ALA A 463 -10.81 -7.60 0.89
C ALA A 463 -10.39 -6.13 0.94
N ALA A 464 -9.22 -5.76 0.42
CA ALA A 464 -8.76 -4.37 0.50
C ALA A 464 -9.59 -3.43 -0.38
N ALA A 465 -10.33 -3.98 -1.35
CA ALA A 465 -11.29 -3.19 -2.12
C ALA A 465 -12.63 -3.90 -2.12
N THR A 466 -13.71 -3.14 -2.33
CA THR A 466 -15.02 -3.79 -2.37
C THR A 466 -15.13 -4.65 -3.63
N GLY A 467 -16.07 -5.59 -3.59
CA GLY A 467 -16.27 -6.50 -4.69
C GLY A 467 -15.97 -7.94 -4.30
N GLN A 468 -16.12 -8.82 -5.28
CA GLN A 468 -15.93 -10.24 -5.03
C GLN A 468 -14.45 -10.57 -4.88
N ALA A 469 -14.08 -11.11 -3.71
CA ALA A 469 -12.70 -11.51 -3.44
C ALA A 469 -12.41 -12.87 -4.07
N GLY A 470 -11.11 -13.12 -4.30
CA GLY A 470 -10.67 -14.42 -4.79
C GLY A 470 -10.70 -14.61 -6.30
N VAL A 471 -10.93 -13.54 -7.06
CA VAL A 471 -11.02 -13.59 -8.52
C VAL A 471 -9.72 -13.10 -9.12
N VAL A 472 -9.13 -13.92 -10.00
CA VAL A 472 -7.89 -13.53 -10.67
C VAL A 472 -8.17 -12.35 -11.60
N ARG A 473 -7.31 -11.34 -11.54
CA ARG A 473 -7.34 -10.24 -12.49
C ARG A 473 -5.91 -9.80 -12.80
N ARG A 474 -5.73 -9.17 -13.95
CA ARG A 474 -4.45 -8.54 -14.25
C ARG A 474 -4.27 -7.34 -13.33
N ASP A 475 -3.06 -7.21 -12.77
CA ASP A 475 -2.75 -6.09 -11.87
C ASP A 475 -1.32 -5.70 -12.17
N PRO A 476 -1.10 -4.99 -13.27
CA PRO A 476 0.29 -4.67 -13.70
C PRO A 476 1.02 -3.88 -12.64
N PHE A 477 2.22 -4.36 -12.26
CA PHE A 477 3.08 -3.70 -11.29
C PHE A 477 2.40 -3.50 -9.93
N ALA A 478 1.33 -4.24 -9.64
CA ALA A 478 0.51 -4.02 -8.45
C ALA A 478 -0.07 -2.61 -8.41
N MET A 479 -0.21 -1.98 -9.58
CA MET A 479 -0.65 -0.58 -9.70
C MET A 479 -2.01 -0.42 -10.37
N LEU A 480 -2.75 -1.50 -10.60
CA LEU A 480 -4.06 -1.36 -11.25
C LEU A 480 -4.96 -0.31 -10.58
N PRO A 481 -5.05 -0.22 -9.26
CA PRO A 481 -5.91 0.82 -8.65
C PRO A 481 -5.24 2.16 -8.49
N PHE A 482 -3.96 2.31 -8.84
CA PHE A 482 -3.17 3.47 -8.43
C PHE A 482 -2.42 4.16 -9.54
N MET A 483 -2.49 3.66 -10.77
CA MET A 483 -1.73 4.26 -11.87
C MET A 483 -2.40 5.57 -12.26
N GLY A 484 -1.62 6.65 -12.27
CA GLY A 484 -2.14 7.99 -12.45
C GLY A 484 -2.28 8.45 -13.90
N TYR A 485 -1.95 7.60 -14.86
CA TYR A 485 -2.02 7.92 -16.29
C TYR A 485 -2.14 6.61 -17.06
N ASN A 486 -2.04 6.69 -18.40
CA ASN A 486 -2.26 5.50 -19.22
C ASN A 486 -1.23 4.42 -18.92
N MET A 487 -1.73 3.21 -18.61
CA MET A 487 -0.87 2.11 -18.18
C MET A 487 0.18 1.76 -19.23
N SER A 488 -0.14 1.89 -20.52
CA SER A 488 0.83 1.57 -21.57
C SER A 488 1.98 2.57 -21.62
N ASP A 489 1.71 3.87 -21.37
CA ASP A 489 2.80 4.83 -21.24
C ASP A 489 3.66 4.53 -20.02
N TYR A 490 3.05 4.01 -18.95
CA TYR A 490 3.81 3.62 -17.77
C TYR A 490 4.75 2.47 -18.07
N PHE A 491 4.29 1.47 -18.84
CA PHE A 491 5.21 0.42 -19.27
C PHE A 491 6.39 1.02 -20.03
N GLN A 492 6.12 1.95 -20.93
CA GLN A 492 7.20 2.58 -21.70
C GLN A 492 8.17 3.34 -20.78
N HIS A 493 7.63 3.97 -19.73
CA HIS A 493 8.47 4.69 -18.77
C HIS A 493 9.49 3.74 -18.14
N TRP A 494 9.02 2.57 -17.70
CA TRP A 494 9.93 1.56 -17.13
C TRP A 494 10.93 1.06 -18.16
N LEU A 495 10.51 0.84 -19.40
CA LEU A 495 11.46 0.42 -20.42
C LEU A 495 12.51 1.51 -20.66
N ASP A 496 12.08 2.78 -20.73
CA ASP A 496 13.00 3.88 -20.97
C ASP A 496 13.96 4.05 -19.81
N LEU A 497 13.48 3.85 -18.57
CA LEU A 497 14.34 3.98 -17.40
C LEU A 497 15.49 2.95 -17.44
N GLY A 498 15.18 1.71 -17.79
CA GLY A 498 16.22 0.72 -17.92
C GLY A 498 17.26 1.10 -18.94
N LYS A 499 16.82 1.65 -20.09
CA LYS A 499 17.81 2.09 -21.08
C LYS A 499 18.71 3.19 -20.54
N LYS A 500 18.13 4.13 -19.77
CA LYS A 500 18.93 5.18 -19.14
C LYS A 500 19.99 4.59 -18.20
N LEU A 501 19.59 3.61 -17.37
CA LEU A 501 20.53 2.98 -16.46
C LEU A 501 21.63 2.26 -17.21
N ALA A 502 21.26 1.56 -18.28
CA ALA A 502 22.23 0.74 -19.00
C ALA A 502 23.29 1.60 -19.66
N ALA A 503 22.92 2.81 -20.08
CA ALA A 503 23.85 3.68 -20.80
C ALA A 503 24.97 4.17 -19.93
N SER A 504 24.85 4.07 -18.62
CA SER A 504 25.94 4.38 -17.72
C SER A 504 26.99 3.28 -17.66
N GLY A 505 26.74 2.12 -18.25
CA GLY A 505 27.63 0.98 -18.10
C GLY A 505 27.31 0.10 -16.90
N ALA A 506 26.36 0.50 -16.06
CA ALA A 506 26.03 -0.27 -14.88
C ALA A 506 25.33 -1.59 -15.24
N THR A 507 25.38 -2.53 -14.31
CA THR A 507 24.54 -3.72 -14.35
C THR A 507 23.18 -3.35 -13.76
N LEU A 508 22.11 -3.67 -14.48
CA LEU A 508 20.79 -3.28 -14.00
C LEU A 508 20.37 -4.12 -12.80
N PRO A 509 19.49 -3.59 -11.93
CA PRO A 509 18.91 -4.41 -10.87
C PRO A 509 18.18 -5.62 -11.45
N LYS A 510 18.25 -6.74 -10.75
CA LYS A 510 17.49 -7.87 -11.26
C LYS A 510 16.03 -7.71 -10.91
N ILE A 511 15.18 -8.39 -11.68
CA ILE A 511 13.74 -8.36 -11.48
C ILE A 511 13.29 -9.80 -11.25
N TYR A 512 12.56 -10.04 -10.15
CA TYR A 512 12.06 -11.34 -9.80
C TYR A 512 10.54 -11.34 -9.80
N THR A 513 9.96 -12.49 -10.11
N THR A 513 9.94 -12.49 -10.08
CA THR A 513 8.58 -12.80 -9.79
CA THR A 513 8.53 -12.72 -9.77
C THR A 513 8.57 -13.76 -8.61
C THR A 513 8.44 -13.82 -8.72
N THR A 514 7.63 -13.57 -7.70
CA THR A 514 7.43 -14.50 -6.60
C THR A 514 5.96 -14.87 -6.51
N ASN A 515 5.71 -16.00 -5.86
CA ASN A 515 4.34 -16.40 -5.52
C ASN A 515 4.35 -17.17 -4.20
N TRP A 516 3.90 -16.52 -3.14
CA TRP A 516 3.77 -17.22 -1.86
C TRP A 516 2.52 -18.09 -1.78
N PHE A 517 1.63 -18.05 -2.76
CA PHE A 517 0.22 -18.33 -2.48
C PHE A 517 -0.37 -19.50 -3.28
N ARG A 518 0.46 -20.41 -3.77
N ARG A 518 0.46 -20.39 -3.82
CA ARG A 518 -0.04 -21.63 -4.42
CA ARG A 518 -0.09 -21.60 -4.43
C ARG A 518 -0.81 -22.49 -3.42
C ARG A 518 -0.89 -22.36 -3.39
N LYS A 519 -1.95 -23.01 -3.86
CA LYS A 519 -2.83 -23.80 -2.99
C LYS A 519 -2.83 -25.26 -3.42
N GLY A 520 -3.02 -26.13 -2.44
CA GLY A 520 -3.19 -27.56 -2.69
C GLY A 520 -4.66 -27.93 -2.89
N THR A 521 -4.91 -29.25 -2.94
CA THR A 521 -6.25 -29.70 -3.33
C THR A 521 -7.34 -29.32 -2.32
N ASP A 522 -6.96 -29.06 -1.07
CA ASP A 522 -7.86 -28.66 -0.01
C ASP A 522 -7.97 -27.14 0.13
N GLY A 523 -7.34 -26.38 -0.77
CA GLY A 523 -7.34 -24.93 -0.69
C GLY A 523 -6.38 -24.33 0.32
N LYS A 524 -5.54 -25.12 0.97
CA LYS A 524 -4.56 -24.56 1.88
C LYS A 524 -3.28 -24.21 1.14
N PHE A 525 -2.45 -23.36 1.75
CA PHE A 525 -1.22 -22.92 1.10
C PHE A 525 -0.12 -23.97 1.18
N VAL A 526 0.51 -24.25 0.04
CA VAL A 526 1.56 -25.26 -0.01
C VAL A 526 2.88 -24.72 0.54
N TRP A 527 3.15 -23.44 0.35
CA TRP A 527 4.37 -22.82 0.84
C TRP A 527 4.10 -22.14 2.18
N PRO A 528 4.92 -22.38 3.20
CA PRO A 528 4.60 -21.79 4.52
C PRO A 528 4.67 -20.26 4.53
N GLY A 529 5.56 -19.66 3.75
CA GLY A 529 5.59 -18.22 3.68
C GLY A 529 6.01 -17.56 4.98
N TYR A 530 5.63 -16.29 5.11
CA TYR A 530 6.01 -15.40 6.21
C TYR A 530 7.53 -15.39 6.41
N GLY A 531 8.02 -15.71 7.61
CA GLY A 531 9.46 -15.74 7.81
C GLY A 531 10.21 -16.67 6.87
N GLU A 532 9.57 -17.75 6.40
CA GLU A 532 10.27 -18.66 5.50
C GLU A 532 10.54 -18.04 4.13
N ASN A 533 9.90 -16.91 3.81
CA ASN A 533 10.24 -16.19 2.59
C ASN A 533 11.68 -15.69 2.61
N MET A 534 12.31 -15.64 3.79
CA MET A 534 13.74 -15.35 3.86
C MET A 534 14.56 -16.29 2.99
N ARG A 535 14.10 -17.55 2.85
CA ARG A 535 14.86 -18.55 2.10
C ARG A 535 14.89 -18.22 0.61
N VAL A 536 13.81 -17.62 0.11
CA VAL A 536 13.77 -17.12 -1.26
C VAL A 536 14.61 -15.85 -1.38
N LEU A 537 14.42 -14.91 -0.46
CA LEU A 537 15.23 -13.68 -0.47
C LEU A 537 16.74 -13.97 -0.44
N ALA A 538 17.17 -14.96 0.35
CA ALA A 538 18.59 -15.32 0.41
C ALA A 538 19.11 -15.82 -0.95
N TRP A 539 18.26 -16.52 -1.71
CA TRP A 539 18.67 -16.92 -3.05
C TRP A 539 18.87 -15.70 -3.95
N MET A 540 17.94 -14.74 -3.90
CA MET A 540 18.10 -13.50 -4.64
C MET A 540 19.42 -12.81 -4.29
N ILE A 541 19.78 -12.78 -3.01
CA ILE A 541 21.05 -12.17 -2.61
C ILE A 541 22.22 -12.91 -3.23
N ASP A 542 22.19 -14.25 -3.17
CA ASP A 542 23.22 -15.04 -3.85
C ASP A 542 23.33 -14.68 -5.33
N ARG A 543 22.19 -14.51 -6.00
CA ARG A 543 22.20 -14.15 -7.42
C ARG A 543 22.79 -12.76 -7.63
N ILE A 544 22.40 -11.81 -6.78
CA ILE A 544 22.96 -10.47 -6.85
C ILE A 544 24.48 -10.52 -6.77
N GLU A 545 25.01 -11.39 -5.92
CA GLU A 545 26.46 -11.52 -5.75
C GLU A 545 27.12 -12.37 -6.82
N GLY A 546 26.35 -12.91 -7.77
CA GLY A 546 26.92 -13.81 -8.77
C GLY A 546 27.36 -15.15 -8.23
N LYS A 547 26.86 -15.56 -7.07
CA LYS A 547 27.25 -16.83 -6.47
C LYS A 547 26.13 -17.87 -6.45
N GLY A 548 24.91 -17.53 -6.82
CA GLY A 548 23.79 -18.46 -6.77
C GLY A 548 23.57 -19.15 -8.11
N GLN A 549 23.28 -20.44 -8.06
N GLN A 549 23.26 -20.43 -8.05
CA GLN A 549 22.98 -21.19 -9.27
CA GLN A 549 22.97 -21.20 -9.25
C GLN A 549 21.50 -21.10 -9.57
C GLN A 549 21.48 -21.19 -9.55
N GLY A 550 21.14 -21.47 -10.80
CA GLY A 550 19.75 -21.51 -11.19
C GLY A 550 19.64 -22.25 -12.50
N GLU A 551 18.41 -22.68 -12.82
CA GLU A 551 18.12 -23.39 -14.04
C GLU A 551 17.21 -22.56 -14.94
N ASP A 552 17.49 -22.57 -16.24
CA ASP A 552 16.72 -21.78 -17.18
C ASP A 552 15.46 -22.54 -17.55
N HIS A 553 14.32 -21.84 -17.53
CA HIS A 553 13.05 -22.45 -17.92
C HIS A 553 12.29 -21.40 -18.74
N VAL A 554 11.03 -21.71 -19.04
CA VAL A 554 10.28 -20.92 -20.02
C VAL A 554 10.26 -19.43 -19.65
N THR A 555 9.99 -19.12 -18.38
CA THR A 555 9.76 -17.73 -18.00
C THR A 555 10.98 -17.07 -17.36
N GLY A 556 12.05 -17.81 -17.13
CA GLY A 556 13.22 -17.20 -16.52
C GLY A 556 14.07 -18.25 -15.84
N ILE A 557 14.81 -17.81 -14.83
CA ILE A 557 15.76 -18.66 -14.11
C ILE A 557 15.22 -18.90 -12.70
N SER A 558 15.23 -20.16 -12.27
CA SER A 558 14.69 -20.52 -10.97
C SER A 558 15.70 -21.39 -10.22
N PRO A 559 15.71 -21.31 -8.88
CA PRO A 559 16.63 -22.14 -8.10
C PRO A 559 16.24 -23.60 -8.16
N SER A 560 17.25 -24.47 -8.03
CA SER A 560 17.01 -25.86 -7.69
C SER A 560 16.88 -26.01 -6.17
N TYR A 561 16.38 -27.17 -5.76
CA TYR A 561 16.21 -27.44 -4.33
C TYR A 561 17.50 -27.15 -3.56
N GLU A 562 18.63 -27.62 -4.08
CA GLU A 562 19.93 -27.51 -3.43
C GLU A 562 20.46 -26.09 -3.36
N ASP A 563 19.84 -25.15 -4.09
CA ASP A 563 20.29 -23.76 -4.09
C ASP A 563 19.70 -22.95 -2.94
N LEU A 564 18.80 -23.52 -2.17
CA LEU A 564 18.20 -22.83 -1.04
C LEU A 564 18.67 -23.48 0.26
N ASN A 565 18.62 -22.68 1.33
CA ASN A 565 18.98 -23.11 2.67
C ASN A 565 17.72 -23.63 3.37
N TRP A 566 17.70 -24.92 3.68
CA TRP A 566 16.55 -25.56 4.29
C TRP A 566 16.74 -25.83 5.77
N THR A 567 17.86 -25.42 6.35
CA THR A 567 18.09 -25.58 7.78
C THR A 567 16.96 -24.97 8.59
N GLY A 568 16.31 -25.78 9.44
CA GLY A 568 15.26 -25.31 10.30
C GLY A 568 13.86 -25.40 9.74
N LEU A 569 13.68 -25.89 8.52
CA LEU A 569 12.36 -26.01 7.91
C LEU A 569 12.21 -27.39 7.27
N ASP A 570 11.16 -28.11 7.67
CA ASP A 570 10.90 -29.42 7.06
C ASP A 570 10.05 -29.20 5.82
N PHE A 571 10.71 -29.12 4.68
CA PHE A 571 10.07 -28.88 3.39
C PHE A 571 10.88 -29.68 2.40
N SER A 572 10.27 -30.68 1.79
CA SER A 572 11.01 -31.69 1.05
C SER A 572 11.30 -31.22 -0.38
N ALA A 573 12.18 -31.96 -1.04
CA ALA A 573 12.42 -31.74 -2.48
C ALA A 573 11.16 -31.94 -3.28
N ASP A 574 10.29 -32.88 -2.88
CA ASP A 574 9.03 -33.05 -3.60
C ASP A 574 8.10 -31.86 -3.41
N GLN A 575 8.03 -31.30 -2.20
CA GLN A 575 7.19 -30.12 -2.02
C GLN A 575 7.71 -28.94 -2.81
N PHE A 576 9.04 -28.80 -2.89
CA PHE A 576 9.66 -27.75 -3.69
C PHE A 576 9.35 -27.92 -5.17
N ASN A 577 9.41 -29.16 -5.68
N ASN A 577 9.42 -29.16 -5.68
CA ASN A 577 9.07 -29.41 -7.07
CA ASN A 577 9.08 -29.41 -7.07
C ASN A 577 7.64 -28.96 -7.38
C ASN A 577 7.65 -28.95 -7.37
N THR A 578 6.73 -29.12 -6.42
CA THR A 578 5.34 -28.72 -6.64
C THR A 578 5.22 -27.21 -6.89
N VAL A 579 5.90 -26.39 -6.08
CA VAL A 579 5.72 -24.94 -6.19
C VAL A 579 6.72 -24.28 -7.14
N THR A 580 7.64 -25.05 -7.75
CA THR A 580 8.57 -24.50 -8.73
C THR A 580 8.44 -25.11 -10.13
N SER A 581 7.69 -26.20 -10.31
CA SER A 581 7.53 -26.77 -11.64
C SER A 581 6.83 -25.79 -12.58
N ILE A 582 7.34 -25.69 -13.80
CA ILE A 582 6.70 -24.91 -14.86
C ILE A 582 5.75 -25.85 -15.60
N ASP A 583 4.46 -25.59 -15.51
CA ASP A 583 3.45 -26.41 -16.16
C ASP A 583 3.10 -25.80 -17.50
N LYS A 584 3.38 -26.54 -18.59
CA LYS A 584 3.16 -26.01 -19.93
C LYS A 584 1.71 -25.61 -20.15
N ALA A 585 0.76 -26.49 -19.78
CA ALA A 585 -0.66 -26.18 -20.04
C ALA A 585 -1.10 -24.92 -19.31
N ALA A 586 -0.68 -24.77 -18.05
CA ALA A 586 -1.08 -23.61 -17.28
C ALA A 586 -0.50 -22.33 -17.88
N TRP A 587 0.76 -22.37 -18.36
CA TRP A 587 1.35 -21.16 -18.93
C TRP A 587 0.78 -20.85 -20.30
N LEU A 588 0.35 -21.86 -21.06
CA LEU A 588 -0.34 -21.56 -22.32
C LEU A 588 -1.62 -20.77 -22.07
N LYS A 589 -2.41 -21.21 -21.08
N LYS A 589 -2.41 -21.20 -21.07
CA LYS A 589 -3.60 -20.48 -20.69
CA LYS A 589 -3.62 -20.46 -20.72
C LYS A 589 -3.27 -19.07 -20.21
C LYS A 589 -3.28 -19.06 -20.19
N GLU A 590 -2.22 -18.95 -19.38
CA GLU A 590 -1.81 -17.65 -18.85
C GLU A 590 -1.41 -16.69 -19.97
N LEU A 591 -0.69 -17.17 -20.99
CA LEU A 591 -0.29 -16.30 -22.08
C LEU A 591 -1.49 -15.79 -22.86
N GLU A 592 -2.55 -16.59 -22.97
N GLU A 592 -2.56 -16.58 -22.95
CA GLU A 592 -3.76 -16.08 -23.62
CA GLU A 592 -3.77 -16.09 -23.61
C GLU A 592 -4.40 -14.96 -22.79
C GLU A 592 -4.46 -15.01 -22.78
N LEU A 593 -4.34 -15.06 -21.46
CA LEU A 593 -4.82 -13.95 -20.64
C LEU A 593 -3.91 -12.71 -20.80
N HIS A 594 -2.61 -12.90 -21.06
CA HIS A 594 -1.76 -11.75 -21.39
C HIS A 594 -2.19 -11.11 -22.70
N ALA A 595 -2.56 -11.92 -23.69
CA ALA A 595 -3.01 -11.40 -24.98
C ALA A 595 -4.26 -10.55 -24.81
N GLU A 596 -5.19 -10.97 -23.93
CA GLU A 596 -6.38 -10.17 -23.68
C GLU A 596 -6.02 -8.82 -23.08
N LEU A 597 -5.10 -8.80 -22.11
CA LEU A 597 -4.61 -7.52 -21.56
C LEU A 597 -4.02 -6.65 -22.67
N PHE A 598 -3.17 -7.24 -23.51
CA PHE A 598 -2.51 -6.44 -24.54
C PHE A 598 -3.52 -5.91 -25.55
N LYS A 599 -4.60 -6.64 -25.79
CA LYS A 599 -5.67 -6.10 -26.63
C LYS A 599 -6.30 -4.89 -25.98
N GLN A 600 -6.59 -4.97 -24.68
N GLN A 600 -6.63 -4.98 -24.69
CA GLN A 600 -7.21 -3.86 -23.98
CA GLN A 600 -7.20 -3.84 -23.97
C GLN A 600 -6.27 -2.66 -23.88
C GLN A 600 -6.26 -2.65 -24.02
N LEU A 601 -4.96 -2.90 -23.80
CA LEU A 601 -3.97 -1.85 -23.67
C LEU A 601 -3.24 -1.57 -24.99
N GLU A 602 -3.89 -1.83 -26.13
CA GLU A 602 -3.21 -1.72 -27.42
C GLU A 602 -2.64 -0.32 -27.65
N HIS A 603 -3.34 0.72 -27.19
CA HIS A 603 -2.90 2.09 -27.44
C HIS A 603 -1.59 2.37 -26.72
N HIS A 604 -0.54 2.66 -27.49
CA HIS A 604 0.81 2.96 -26.99
C HIS A 604 1.49 1.76 -26.34
N LEU A 605 1.01 0.54 -26.56
CA LEU A 605 1.65 -0.62 -25.95
C LEU A 605 3.05 -0.79 -26.53
N PRO A 606 4.09 -0.84 -25.70
CA PRO A 606 5.45 -1.02 -26.23
C PRO A 606 5.55 -2.31 -27.02
N LYS A 607 6.12 -2.21 -28.22
CA LYS A 607 6.22 -3.38 -29.07
C LYS A 607 7.10 -4.44 -28.43
N GLU A 608 8.00 -4.05 -27.50
CA GLU A 608 8.86 -5.01 -26.83
C GLU A 608 8.07 -6.05 -26.05
N LEU A 609 6.86 -5.72 -25.59
CA LEU A 609 6.09 -6.69 -24.82
C LEU A 609 5.53 -7.80 -25.70
N GLY A 610 5.00 -7.44 -26.87
CA GLY A 610 4.58 -8.48 -27.81
C GLY A 610 5.73 -9.37 -28.24
N GLU A 611 6.92 -8.79 -28.43
CA GLU A 611 8.09 -9.59 -28.81
C GLU A 611 8.47 -10.57 -27.71
N THR A 612 8.50 -10.10 -26.46
CA THR A 612 8.77 -11.01 -25.34
C THR A 612 7.73 -12.11 -25.25
N LYS A 613 6.45 -11.75 -25.41
CA LYS A 613 5.40 -12.76 -25.38
C LYS A 613 5.62 -13.82 -26.46
N ALA A 614 6.04 -13.40 -27.66
CA ALA A 614 6.25 -14.37 -28.74
C ALA A 614 7.37 -15.35 -28.40
N GLU A 615 8.43 -14.87 -27.73
CA GLU A 615 9.51 -15.76 -27.31
C GLU A 615 9.03 -16.75 -26.26
N ILE A 616 8.20 -16.33 -25.31
CA ILE A 616 7.70 -17.26 -24.32
C ILE A 616 6.84 -18.34 -24.99
N GLU A 617 6.03 -17.91 -25.97
CA GLU A 617 5.19 -18.87 -26.71
C GLU A 617 6.03 -19.92 -27.41
N ARG A 618 7.15 -19.49 -28.04
CA ARG A 618 8.05 -20.46 -28.67
C ARG A 618 8.58 -21.45 -27.66
N ARG A 619 9.04 -20.95 -26.50
N ARG A 619 9.09 -20.97 -26.52
CA ARG A 619 9.61 -21.83 -25.47
CA ARG A 619 9.59 -21.88 -25.50
C ARG A 619 8.57 -22.81 -24.93
C ARG A 619 8.53 -22.90 -25.10
N LEU A 620 7.28 -22.45 -24.96
CA LEU A 620 6.22 -23.35 -24.53
C LEU A 620 5.88 -24.39 -25.58
N ALA A 621 6.01 -24.04 -26.86
CA ALA A 621 5.75 -25.00 -27.93
C ALA A 621 6.98 -25.82 -28.31
N ALA A 622 8.14 -25.53 -27.73
CA ALA A 622 9.39 -26.22 -28.08
C ALA A 622 9.32 -27.70 -27.76
#